data_7NB1
#
_entry.id   7NB1
#
_cell.length_a   55.855
_cell.length_b   122.003
_cell.length_c   132.121
_cell.angle_alpha   90.000
_cell.angle_beta   90.000
_cell.angle_gamma   90.000
#
_symmetry.space_group_name_H-M   'P 21 21 21'
#
loop_
_entity.id
_entity.type
_entity.pdbx_description
1 polymer 'Choline kinase alpha'
2 non-polymer 4-(6-aminopurin-9-yl)-~{N}-[4-(trifluoromethylsulfonyl)phenyl]cyclohexane-1-carboxamide
3 non-polymer '4-(2-HYDROXYETHYL)-1-PIPERAZINE ETHANESULFONIC ACID'
4 water water
#
_entity_poly.entity_id   1
_entity_poly.type   'polypeptide(L)'
_entity_poly.pdbx_seq_one_letter_code
;GPQPPADEQPEPRTRRRAYLWCKEFLPGAWRGLREDEFHISVIRGGLSNMLFQCSLPDTTATLGDEPRKVLLRLYGAILQ
MRSCNKEGSEQAQKENEFQGAEAMVLESVMFAILAERSLGPKLYGIFPQGRLEQFIPSRRLDTEELSLPDISAEIAEKMA
TFHGMKMPFNKEPKWLFGTMEKYLKEVLRIKFTEESRIKKLHKLLSYNLPLELENLRSLLESTPSPVVFCHNDCQEGNIL
LLEGRENSEKQKLMLIDFEYSSYNYRGFDIGNHFCEWMYDYSYEKYPFFRANIRKYPTKKQQLHFISSYLPAFQNDFENL
STEEKSIIKEEMLLEVNRFALASHFLWGLWSIVQAKISSIEFGYMDYAQARFDAYFHQKRKLGV
;
_entity_poly.pdbx_strand_id   AAA,BBB
#
loop_
_chem_comp.id
_chem_comp.type
_chem_comp.name
_chem_comp.formula
EPE non-polymer '4-(2-HYDROXYETHYL)-1-PIPERAZINE ETHANESULFONIC ACID' 'C8 H18 N2 O4 S'
U6T non-polymer 4-(6-aminopurin-9-yl)-~{N}-[4-(trifluoromethylsulfonyl)phenyl]cyclohexane-1-carboxamide 'C19 H19 F3 N6 O3 S'
#
# COMPACT_ATOMS: atom_id res chain seq x y z
N PRO A 10 15.51 -25.02 1.59
CA PRO A 10 16.18 -23.85 2.21
C PRO A 10 17.04 -24.23 3.42
N GLU A 11 18.15 -23.49 3.59
CA GLU A 11 19.13 -23.70 4.65
C GLU A 11 18.53 -23.36 6.01
N PRO A 12 19.13 -23.78 7.15
CA PRO A 12 18.52 -23.57 8.47
C PRO A 12 18.36 -22.11 8.89
N ARG A 13 19.22 -21.20 8.38
CA ARG A 13 19.16 -19.79 8.76
C ARG A 13 17.90 -19.13 8.19
N THR A 14 17.68 -19.28 6.87
CA THR A 14 16.49 -18.74 6.23
C THR A 14 15.24 -19.43 6.75
N ARG A 15 15.34 -20.73 7.02
CA ARG A 15 14.21 -21.48 7.54
C ARG A 15 13.79 -20.89 8.89
N ARG A 16 14.77 -20.40 9.65
CA ARG A 16 14.52 -19.61 10.85
C ARG A 16 13.69 -18.39 10.46
N ARG A 17 14.24 -17.56 9.55
CA ARG A 17 13.67 -16.29 9.11
C ARG A 17 12.17 -16.44 8.81
N ALA A 18 11.85 -17.48 8.02
CA ALA A 18 10.53 -17.74 7.48
C ALA A 18 9.58 -18.25 8.56
N TYR A 19 10.14 -19.02 9.49
CA TYR A 19 9.36 -19.48 10.63
C TYR A 19 8.90 -18.26 11.43
N LEU A 20 9.80 -17.31 11.64
CA LEU A 20 9.49 -16.16 12.48
C LEU A 20 8.45 -15.26 11.82
N TRP A 21 8.68 -14.90 10.54
CA TRP A 21 7.73 -14.15 9.73
C TRP A 21 6.34 -14.78 9.88
N CYS A 22 6.25 -16.08 9.65
CA CYS A 22 4.93 -16.71 9.69
C CYS A 22 4.31 -16.63 11.08
N LYS A 23 5.15 -16.79 12.11
CA LYS A 23 4.68 -16.83 13.48
C LYS A 23 4.29 -15.42 13.94
N GLU A 24 5.13 -14.43 13.60
CA GLU A 24 4.92 -13.04 13.98
C GLU A 24 3.83 -12.33 13.17
N PHE A 25 3.52 -12.77 11.93
CA PHE A 25 2.64 -12.01 11.04
C PHE A 25 1.27 -12.65 10.89
N LEU A 26 1.15 -13.95 11.13
CA LEU A 26 -0.10 -14.63 10.79
C LEU A 26 -0.92 -14.89 12.05
N PRO A 27 -2.26 -14.97 11.94
CA PRO A 27 -3.13 -15.13 13.11
C PRO A 27 -3.46 -16.57 13.49
N GLY A 28 -4.18 -16.75 14.61
CA GLY A 28 -4.57 -18.05 15.15
C GLY A 28 -3.36 -18.95 15.44
N ALA A 29 -3.43 -20.17 14.90
CA ALA A 29 -2.54 -21.28 15.22
C ALA A 29 -1.07 -20.97 14.93
N TRP A 30 -0.80 -19.93 14.13
CA TRP A 30 0.56 -19.63 13.71
C TRP A 30 1.28 -18.98 14.89
N ARG A 31 0.46 -18.40 15.78
CA ARG A 31 0.99 -17.54 16.84
C ARG A 31 1.68 -18.43 17.89
N GLY A 32 0.96 -19.48 18.31
CA GLY A 32 1.50 -20.46 19.26
C GLY A 32 2.03 -21.71 18.54
N LEU A 33 3.06 -21.52 17.71
CA LEU A 33 3.65 -22.60 16.94
C LEU A 33 5.15 -22.59 17.18
N ARG A 34 5.74 -23.79 17.32
CA ARG A 34 7.17 -23.99 17.57
C ARG A 34 7.90 -24.25 16.26
N GLU A 35 9.22 -23.95 16.24
CA GLU A 35 10.10 -24.11 15.10
C GLU A 35 10.07 -25.54 14.55
N ASP A 36 9.75 -26.50 15.43
CA ASP A 36 9.81 -27.92 15.14
C ASP A 36 8.44 -28.41 14.68
N GLU A 37 7.55 -27.49 14.31
CA GLU A 37 6.30 -27.89 13.68
C GLU A 37 6.03 -27.06 12.41
N PHE A 38 7.08 -26.39 11.88
CA PHE A 38 6.97 -25.45 10.77
C PHE A 38 7.40 -26.11 9.44
N HIS A 39 6.46 -26.21 8.49
CA HIS A 39 6.74 -26.79 7.19
C HIS A 39 6.91 -25.67 6.15
N ILE A 40 8.03 -25.73 5.43
CA ILE A 40 8.26 -24.86 4.29
C ILE A 40 8.95 -25.67 3.20
N SER A 41 8.47 -25.60 1.94
CA SER A 41 9.23 -26.12 0.81
C SER A 41 9.26 -25.13 -0.35
N VAL A 42 10.27 -25.29 -1.22
CA VAL A 42 10.47 -24.42 -2.37
C VAL A 42 9.38 -24.67 -3.42
N ILE A 43 8.93 -23.57 -4.05
CA ILE A 43 8.10 -23.61 -5.23
C ILE A 43 8.99 -23.20 -6.40
N ARG A 44 9.73 -22.10 -6.22
CA ARG A 44 10.64 -21.57 -7.21
C ARG A 44 11.85 -20.97 -6.49
N GLY A 45 13.04 -21.56 -6.73
CA GLY A 45 14.32 -21.03 -6.29
C GLY A 45 14.85 -19.97 -7.25
N GLY A 46 16.17 -19.71 -7.20
CA GLY A 46 16.76 -18.58 -7.91
C GLY A 46 17.29 -17.51 -6.96
N LEU A 47 17.63 -16.34 -7.50
CA LEU A 47 18.27 -15.30 -6.69
C LEU A 47 17.33 -14.10 -6.58
N SER A 48 16.20 -14.18 -7.30
CA SER A 48 15.20 -13.13 -7.34
C SER A 48 13.81 -13.76 -7.35
N ASN A 49 12.87 -13.09 -6.66
CA ASN A 49 11.45 -13.43 -6.61
C ASN A 49 11.21 -14.90 -6.28
N MET A 50 11.89 -15.39 -5.23
CA MET A 50 11.79 -16.79 -4.85
C MET A 50 10.46 -17.02 -4.15
N LEU A 51 9.91 -18.24 -4.33
CA LEU A 51 8.60 -18.59 -3.84
C LEU A 51 8.72 -19.84 -2.97
N PHE A 52 7.94 -19.87 -1.89
CA PHE A 52 7.98 -20.96 -0.93
C PHE A 52 6.59 -21.14 -0.35
N GLN A 53 6.22 -22.39 -0.09
CA GLN A 53 4.96 -22.65 0.57
C GLN A 53 5.26 -23.02 2.01
N CYS A 54 4.62 -22.30 2.93
CA CYS A 54 4.72 -22.55 4.36
C CYS A 54 3.38 -23.09 4.83
N SER A 55 3.39 -24.03 5.79
CA SER A 55 2.13 -24.65 6.21
C SER A 55 2.17 -25.11 7.66
N LEU A 56 0.97 -25.20 8.24
CA LEU A 56 0.69 -25.91 9.49
C LEU A 56 0.89 -27.41 9.31
N PRO A 57 1.17 -28.16 10.41
CA PRO A 57 0.98 -29.61 10.43
C PRO A 57 -0.50 -29.87 10.18
N ASP A 58 -0.82 -31.06 9.63
CA ASP A 58 -2.20 -31.49 9.41
C ASP A 58 -2.89 -31.72 10.76
N THR A 59 -2.05 -32.05 11.76
CA THR A 59 -2.45 -32.42 13.10
C THR A 59 -3.00 -31.21 13.87
N THR A 60 -2.56 -29.99 13.49
CA THR A 60 -2.89 -28.74 14.16
C THR A 60 -4.24 -28.21 13.69
N ALA A 61 -5.10 -27.87 14.66
CA ALA A 61 -6.43 -27.36 14.37
C ALA A 61 -6.40 -25.85 14.14
N THR A 62 -7.17 -25.41 13.16
CA THR A 62 -7.44 -24.01 12.90
C THR A 62 -8.27 -23.42 14.05
N LEU A 63 -8.05 -22.15 14.37
CA LEU A 63 -8.75 -21.48 15.47
C LEU A 63 -9.86 -20.57 14.91
N GLY A 64 -9.52 -19.75 13.92
CA GLY A 64 -10.47 -18.78 13.39
C GLY A 64 -10.54 -18.82 11.86
N ASP A 65 -10.09 -17.71 11.26
CA ASP A 65 -10.18 -17.47 9.83
C ASP A 65 -8.92 -17.98 9.13
N GLU A 66 -7.85 -18.19 9.91
CA GLU A 66 -6.50 -18.18 9.38
C GLU A 66 -6.34 -19.26 8.32
N PRO A 67 -5.38 -19.10 7.37
CA PRO A 67 -5.09 -20.12 6.37
C PRO A 67 -4.10 -21.17 6.86
N ARG A 68 -4.19 -22.35 6.24
CA ARG A 68 -3.35 -23.50 6.54
C ARG A 68 -2.03 -23.43 5.78
N LYS A 69 -2.10 -22.96 4.52
CA LYS A 69 -0.96 -22.73 3.64
C LYS A 69 -0.88 -21.24 3.31
N VAL A 70 0.35 -20.71 3.23
CA VAL A 70 0.61 -19.37 2.73
C VAL A 70 1.82 -19.43 1.81
N LEU A 71 1.90 -18.48 0.88
CA LEU A 71 3.03 -18.33 0.01
C LEU A 71 3.91 -17.22 0.57
N LEU A 72 5.20 -17.51 0.69
CA LEU A 72 6.21 -16.53 1.04
C LEU A 72 6.92 -16.19 -0.26
N ARG A 73 7.20 -14.89 -0.44
CA ARG A 73 7.88 -14.37 -1.61
C ARG A 73 9.01 -13.52 -1.10
N LEU A 74 10.25 -13.89 -1.48
CA LEU A 74 11.44 -13.12 -1.15
C LEU A 74 11.87 -12.35 -2.38
N TYR A 75 12.09 -11.04 -2.22
CA TYR A 75 12.57 -10.22 -3.30
C TYR A 75 13.92 -10.71 -3.86
N GLY A 76 14.84 -11.16 -2.98
CA GLY A 76 16.24 -11.37 -3.37
C GLY A 76 16.90 -10.08 -3.84
N ALA A 77 17.46 -10.07 -5.07
CA ALA A 77 17.92 -8.85 -5.76
C ALA A 77 17.38 -7.58 -5.09
N GLU A 102 12.02 4.18 -5.34
CA GLU A 102 10.60 4.23 -4.88
C GLU A 102 9.80 3.10 -5.54
N ALA A 103 10.51 2.15 -6.17
CA ALA A 103 9.87 1.05 -6.87
C ALA A 103 9.07 0.17 -5.90
N MET A 104 9.59 0.01 -4.65
CA MET A 104 8.99 -0.93 -3.71
C MET A 104 7.66 -0.42 -3.14
N VAL A 105 7.61 0.87 -2.82
CA VAL A 105 6.42 1.55 -2.34
C VAL A 105 5.28 1.31 -3.34
N LEU A 106 5.53 1.60 -4.62
CA LEU A 106 4.49 1.55 -5.64
C LEU A 106 3.93 0.13 -5.77
N GLU A 107 4.81 -0.85 -5.86
CA GLU A 107 4.42 -2.25 -6.04
C GLU A 107 3.66 -2.77 -4.81
N SER A 108 4.09 -2.36 -3.61
CA SER A 108 3.47 -2.79 -2.37
C SER A 108 2.06 -2.23 -2.27
N VAL A 109 1.94 -0.93 -2.57
CA VAL A 109 0.65 -0.27 -2.52
C VAL A 109 -0.29 -0.96 -3.51
N MET A 110 0.22 -1.25 -4.71
CA MET A 110 -0.60 -1.81 -5.77
C MET A 110 -1.12 -3.17 -5.34
N PHE A 111 -0.19 -4.00 -4.84
CA PHE A 111 -0.51 -5.34 -4.35
C PHE A 111 -1.54 -5.32 -3.21
N ALA A 112 -1.35 -4.43 -2.24
CA ALA A 112 -2.30 -4.24 -1.15
C ALA A 112 -3.68 -3.87 -1.69
N ILE A 113 -3.71 -2.95 -2.68
CA ILE A 113 -4.99 -2.47 -3.19
C ILE A 113 -5.71 -3.61 -3.91
N LEU A 114 -5.01 -4.34 -4.79
CA LEU A 114 -5.60 -5.44 -5.55
C LEU A 114 -6.11 -6.53 -4.60
N ALA A 115 -5.40 -6.78 -3.49
CA ALA A 115 -5.91 -7.67 -2.45
C ALA A 115 -7.18 -7.12 -1.78
N GLU A 116 -7.21 -5.84 -1.41
CA GLU A 116 -8.44 -5.27 -0.86
C GLU A 116 -9.64 -5.50 -1.78
N ARG A 117 -9.44 -5.37 -3.10
CA ARG A 117 -10.53 -5.44 -4.06
C ARG A 117 -10.78 -6.88 -4.49
N SER A 118 -10.08 -7.86 -3.89
CA SER A 118 -10.17 -9.26 -4.29
C SER A 118 -9.84 -9.47 -5.78
N LEU A 119 -8.86 -8.74 -6.32
CA LEU A 119 -8.45 -9.04 -7.69
C LEU A 119 -7.13 -9.83 -7.71
N GLY A 120 -6.45 -9.86 -6.56
CA GLY A 120 -5.20 -10.56 -6.43
C GLY A 120 -5.21 -11.44 -5.19
N PRO A 121 -4.11 -12.15 -4.90
CA PRO A 121 -4.01 -12.91 -3.65
C PRO A 121 -4.06 -11.94 -2.47
N LYS A 122 -4.68 -12.36 -1.35
CA LYS A 122 -4.65 -11.55 -0.12
C LYS A 122 -3.22 -11.27 0.31
N LEU A 123 -3.04 -10.19 1.06
CA LEU A 123 -1.71 -9.88 1.60
C LEU A 123 -1.73 -10.09 3.11
N TYR A 124 -0.84 -10.96 3.63
CA TYR A 124 -0.85 -11.28 5.05
C TYR A 124 0.30 -10.61 5.78
N GLY A 125 1.37 -10.32 5.06
CA GLY A 125 2.54 -9.81 5.74
C GLY A 125 3.42 -9.10 4.72
N ILE A 126 3.98 -7.97 5.13
CA ILE A 126 4.91 -7.24 4.31
C ILE A 126 6.07 -6.81 5.20
N PHE A 127 7.29 -6.95 4.69
CA PHE A 127 8.50 -6.70 5.44
C PHE A 127 9.59 -6.39 4.42
N PRO A 128 10.74 -5.81 4.82
CA PRO A 128 11.78 -5.45 3.85
C PRO A 128 12.16 -6.57 2.88
N GLN A 129 12.22 -7.82 3.35
CA GLN A 129 12.83 -8.87 2.52
C GLN A 129 11.83 -9.53 1.56
N GLY A 130 10.53 -9.27 1.74
CA GLY A 130 9.54 -10.02 0.98
C GLY A 130 8.13 -9.79 1.52
N ARG A 131 7.24 -10.71 1.15
CA ARG A 131 5.89 -10.64 1.68
C ARG A 131 5.33 -12.05 1.82
N LEU A 132 4.29 -12.18 2.65
CA LEU A 132 3.47 -13.38 2.76
C LEU A 132 2.14 -13.07 2.09
N GLU A 133 1.71 -13.97 1.19
CA GLU A 133 0.46 -13.85 0.44
C GLU A 133 -0.37 -15.13 0.55
N GLN A 134 -1.67 -14.99 0.28
CA GLN A 134 -2.57 -16.12 0.11
C GLN A 134 -1.96 -17.13 -0.88
N PHE A 135 -2.02 -18.41 -0.54
CA PHE A 135 -1.62 -19.47 -1.45
C PHE A 135 -2.85 -19.87 -2.25
N ILE A 136 -2.76 -19.71 -3.58
CA ILE A 136 -3.93 -19.96 -4.40
C ILE A 136 -3.75 -21.37 -4.97
N PRO A 137 -4.55 -22.38 -4.52
CA PRO A 137 -4.51 -23.71 -5.14
C PRO A 137 -5.01 -23.62 -6.57
N SER A 138 -4.14 -24.02 -7.50
CA SER A 138 -4.33 -23.69 -8.91
C SER A 138 -3.15 -24.26 -9.70
N ARG A 139 -3.22 -24.13 -11.03
CA ARG A 139 -2.00 -24.28 -11.80
C ARG A 139 -1.92 -23.11 -12.79
N ARG A 140 -0.71 -22.85 -13.30
CA ARG A 140 -0.55 -21.91 -14.41
C ARG A 140 -1.15 -22.51 -15.68
N LEU A 141 -1.65 -21.66 -16.57
CA LEU A 141 -2.08 -22.09 -17.89
C LEU A 141 -0.85 -22.45 -18.74
N ASP A 142 -1.08 -23.24 -19.78
CA ASP A 142 -0.08 -23.49 -20.80
C ASP A 142 -0.41 -22.64 -22.03
N THR A 143 0.60 -22.45 -22.89
CA THR A 143 0.41 -21.66 -24.11
C THR A 143 -0.81 -22.10 -24.92
N GLU A 144 -1.02 -23.41 -25.03
CA GLU A 144 -2.07 -23.92 -25.92
C GLU A 144 -3.45 -23.48 -25.45
N GLU A 145 -3.59 -23.31 -24.12
CA GLU A 145 -4.89 -23.08 -23.49
C GLU A 145 -5.39 -21.68 -23.78
N LEU A 146 -4.48 -20.76 -24.14
CA LEU A 146 -4.87 -19.36 -24.35
C LEU A 146 -5.91 -19.25 -25.46
N SER A 147 -6.00 -20.26 -26.34
CA SER A 147 -6.84 -20.18 -27.53
C SER A 147 -8.19 -20.89 -27.32
N LEU A 148 -8.31 -21.71 -26.27
CA LEU A 148 -9.59 -22.27 -25.87
C LEU A 148 -10.62 -21.14 -25.67
N PRO A 149 -11.78 -21.17 -26.36
CA PRO A 149 -12.70 -20.02 -26.39
C PRO A 149 -13.16 -19.52 -25.01
N ASP A 150 -13.40 -20.45 -24.09
CA ASP A 150 -13.85 -20.15 -22.73
C ASP A 150 -12.72 -19.48 -21.93
N ILE A 151 -11.49 -19.97 -22.12
CA ILE A 151 -10.31 -19.41 -21.48
C ILE A 151 -10.10 -17.99 -22.00
N SER A 152 -10.08 -17.87 -23.33
CA SER A 152 -9.74 -16.60 -23.95
C SER A 152 -10.76 -15.56 -23.49
N ALA A 153 -12.05 -15.96 -23.43
CA ALA A 153 -13.15 -15.06 -23.09
C ALA A 153 -12.99 -14.57 -21.67
N GLU A 154 -12.61 -15.47 -20.76
CA GLU A 154 -12.43 -15.05 -19.38
C GLU A 154 -11.18 -14.15 -19.19
N ILE A 155 -10.07 -14.45 -19.87
CA ILE A 155 -8.92 -13.57 -19.83
C ILE A 155 -9.36 -12.17 -20.25
N ALA A 156 -10.11 -12.08 -21.35
CA ALA A 156 -10.56 -10.77 -21.82
C ALA A 156 -11.39 -10.06 -20.75
N GLU A 157 -12.30 -10.80 -20.10
CA GLU A 157 -13.13 -10.28 -19.03
C GLU A 157 -12.25 -9.84 -17.84
N LYS A 158 -11.29 -10.69 -17.42
CA LYS A 158 -10.44 -10.33 -16.29
C LYS A 158 -9.60 -9.11 -16.68
N MET A 159 -9.15 -9.09 -17.93
CA MET A 159 -8.30 -7.99 -18.33
C MET A 159 -9.09 -6.68 -18.32
N ALA A 160 -10.32 -6.72 -18.84
CA ALA A 160 -11.18 -5.53 -18.84
C ALA A 160 -11.43 -5.02 -17.42
N THR A 161 -11.59 -5.95 -16.47
CA THR A 161 -11.83 -5.59 -15.08
C THR A 161 -10.59 -4.88 -14.54
N PHE A 162 -9.42 -5.49 -14.80
CA PHE A 162 -8.15 -4.94 -14.36
C PHE A 162 -8.03 -3.52 -14.91
N HIS A 163 -8.49 -3.33 -16.16
CA HIS A 163 -8.35 -2.06 -16.87
C HIS A 163 -9.25 -0.99 -16.32
N GLY A 164 -10.31 -1.39 -15.60
CA GLY A 164 -11.19 -0.46 -14.91
C GLY A 164 -10.69 0.01 -13.54
N MET A 165 -9.67 -0.64 -12.94
CA MET A 165 -9.16 -0.23 -11.64
C MET A 165 -8.71 1.23 -11.71
N LYS A 166 -9.10 2.03 -10.71
CA LYS A 166 -8.45 3.31 -10.41
C LYS A 166 -7.31 3.03 -9.45
N MET A 167 -6.11 3.54 -9.76
CA MET A 167 -4.94 3.29 -8.95
C MET A 167 -4.27 4.62 -8.64
N PRO A 168 -3.65 4.81 -7.45
CA PRO A 168 -3.05 6.10 -7.11
C PRO A 168 -1.73 6.39 -7.80
N PHE A 169 -1.63 6.06 -9.11
CA PHE A 169 -0.39 6.25 -9.86
C PHE A 169 -0.54 7.27 -11.00
N ASN A 170 0.61 7.67 -11.54
CA ASN A 170 0.73 8.59 -12.65
C ASN A 170 -0.09 8.07 -13.82
N LYS A 171 -1.02 8.88 -14.33
CA LYS A 171 -1.96 8.39 -15.33
C LYS A 171 -1.46 8.69 -16.74
N GLU A 172 -0.38 9.46 -16.87
CA GLU A 172 0.26 9.71 -18.16
C GLU A 172 0.92 8.43 -18.65
N PRO A 173 0.73 8.05 -19.93
CA PRO A 173 1.24 6.76 -20.42
C PRO A 173 2.72 6.80 -20.80
N LYS A 174 3.60 6.95 -19.81
CA LYS A 174 5.00 7.14 -20.14
C LYS A 174 5.75 5.81 -20.08
N TRP A 175 5.14 4.78 -19.49
CA TRP A 175 5.80 3.51 -19.24
C TRP A 175 6.39 2.87 -20.51
N LEU A 176 5.62 2.83 -21.60
CA LEU A 176 5.93 1.99 -22.75
C LEU A 176 7.19 2.52 -23.44
N PHE A 177 7.15 3.78 -23.89
CA PHE A 177 8.29 4.39 -24.56
C PHE A 177 9.43 4.67 -23.60
N GLY A 178 9.10 4.97 -22.34
CA GLY A 178 10.12 5.22 -21.34
C GLY A 178 10.90 3.94 -21.07
N THR A 179 10.18 2.81 -21.01
CA THR A 179 10.87 1.56 -20.78
C THR A 179 11.70 1.13 -22.00
N MET A 180 11.19 1.41 -23.21
CA MET A 180 11.87 0.99 -24.42
C MET A 180 13.17 1.80 -24.59
N GLU A 181 13.12 3.11 -24.25
CA GLU A 181 14.28 3.99 -24.29
C GLU A 181 15.35 3.57 -23.28
N LYS A 182 14.89 3.24 -22.06
CA LYS A 182 15.73 2.72 -21.00
C LYS A 182 16.50 1.49 -21.48
N TYR A 183 15.81 0.51 -22.07
CA TYR A 183 16.47 -0.74 -22.44
C TYR A 183 17.35 -0.51 -23.68
N LEU A 184 16.88 0.32 -24.61
CA LEU A 184 17.63 0.60 -25.81
C LEU A 184 19.01 1.16 -25.43
N LYS A 185 19.00 2.10 -24.48
CA LYS A 185 20.21 2.81 -24.07
C LYS A 185 21.15 1.80 -23.41
N GLU A 186 20.58 0.89 -22.61
CA GLU A 186 21.37 -0.19 -22.06
C GLU A 186 21.91 -1.11 -23.16
N VAL A 187 21.11 -1.38 -24.22
CA VAL A 187 21.49 -2.26 -25.31
C VAL A 187 22.69 -1.68 -26.07
N LEU A 188 22.71 -0.36 -26.26
CA LEU A 188 23.78 0.26 -27.03
C LEU A 188 25.12 0.20 -26.28
N ARG A 189 25.09 0.00 -24.95
CA ARG A 189 26.29 -0.01 -24.13
C ARG A 189 26.76 -1.44 -23.94
N ILE A 190 25.95 -2.42 -24.35
CA ILE A 190 26.36 -3.80 -24.10
C ILE A 190 27.51 -4.16 -25.06
N LYS A 191 28.43 -4.93 -24.49
CA LYS A 191 29.54 -5.56 -25.18
C LYS A 191 29.71 -6.94 -24.56
N PHE A 192 29.83 -7.98 -25.40
CA PHE A 192 29.90 -9.36 -24.95
C PHE A 192 31.33 -9.91 -25.09
N THR A 193 31.81 -10.57 -24.04
CA THR A 193 33.15 -11.16 -24.05
C THR A 193 33.18 -12.34 -25.03
N GLU A 194 32.28 -13.31 -24.83
CA GLU A 194 32.10 -14.50 -25.66
C GLU A 194 31.79 -14.07 -27.11
N GLU A 195 31.95 -14.99 -28.07
CA GLU A 195 32.12 -14.58 -29.45
C GLU A 195 30.81 -14.70 -30.25
N SER A 196 30.03 -15.73 -29.93
CA SER A 196 28.79 -15.99 -30.65
C SER A 196 27.77 -14.90 -30.31
N ARG A 197 27.94 -14.30 -29.12
CA ARG A 197 27.02 -13.33 -28.56
C ARG A 197 27.24 -11.97 -29.21
N ILE A 198 28.50 -11.68 -29.57
CA ILE A 198 28.83 -10.46 -30.29
C ILE A 198 28.14 -10.50 -31.66
N LYS A 199 28.22 -11.65 -32.34
CA LYS A 199 27.66 -11.77 -33.67
C LYS A 199 26.14 -11.58 -33.60
N LYS A 200 25.50 -12.23 -32.62
CA LYS A 200 24.06 -12.11 -32.43
C LYS A 200 23.68 -10.66 -32.15
N LEU A 201 24.40 -10.01 -31.22
CA LEU A 201 24.12 -8.60 -30.90
C LEU A 201 24.26 -7.75 -32.16
N HIS A 202 25.28 -8.11 -32.96
CA HIS A 202 25.69 -7.41 -34.16
C HIS A 202 24.56 -7.42 -35.19
N LYS A 203 23.90 -8.57 -35.36
CA LYS A 203 22.79 -8.66 -36.29
C LYS A 203 21.63 -7.78 -35.80
N LEU A 204 21.35 -7.81 -34.50
CA LEU A 204 20.28 -7.00 -33.91
C LEU A 204 20.56 -5.50 -34.05
N LEU A 205 21.83 -5.09 -33.85
CA LEU A 205 22.19 -3.67 -33.94
C LEU A 205 22.12 -3.18 -35.39
N SER A 206 22.22 -4.13 -36.34
CA SER A 206 22.20 -3.81 -37.76
C SER A 206 20.83 -3.35 -38.26
N TYR A 207 19.78 -3.55 -37.45
CA TYR A 207 18.44 -3.11 -37.85
C TYR A 207 18.25 -1.60 -37.65
N ASN A 208 19.23 -0.95 -36.98
CA ASN A 208 19.18 0.45 -36.61
C ASN A 208 18.08 0.68 -35.56
N LEU A 209 18.32 0.19 -34.35
CA LEU A 209 17.27 0.16 -33.35
C LEU A 209 16.77 1.56 -33.04
N PRO A 210 17.65 2.58 -32.87
CA PRO A 210 17.22 3.95 -32.57
C PRO A 210 16.25 4.52 -33.59
N LEU A 211 16.54 4.27 -34.86
CA LEU A 211 15.69 4.69 -35.97
C LEU A 211 14.37 3.91 -36.00
N GLU A 212 14.41 2.61 -35.69
CA GLU A 212 13.21 1.79 -35.74
C GLU A 212 12.26 2.20 -34.61
N LEU A 213 12.85 2.53 -33.45
CA LEU A 213 12.07 2.99 -32.31
C LEU A 213 11.26 4.22 -32.68
N GLU A 214 11.87 5.15 -33.43
CA GLU A 214 11.18 6.36 -33.85
C GLU A 214 10.12 6.01 -34.89
N ASN A 215 10.36 4.96 -35.66
CA ASN A 215 9.36 4.53 -36.63
C ASN A 215 8.11 4.07 -35.88
N LEU A 216 8.33 3.30 -34.80
CA LEU A 216 7.28 2.71 -33.99
C LEU A 216 6.48 3.82 -33.28
N ARG A 217 7.19 4.76 -32.66
CA ARG A 217 6.57 5.85 -31.93
C ARG A 217 5.67 6.61 -32.89
N SER A 218 6.18 6.83 -34.10
CA SER A 218 5.42 7.59 -35.07
C SER A 218 4.12 6.86 -35.37
N LEU A 219 4.21 5.54 -35.62
CA LEU A 219 3.03 4.76 -35.93
C LEU A 219 2.03 4.81 -34.77
N LEU A 220 2.53 4.68 -33.52
CA LEU A 220 1.64 4.53 -32.38
C LEU A 220 1.03 5.87 -31.94
N GLU A 221 1.82 6.97 -32.01
CA GLU A 221 1.32 8.32 -31.81
C GLU A 221 0.10 8.60 -32.69
N SER A 222 -0.09 7.82 -33.76
CA SER A 222 -1.22 8.07 -34.64
C SER A 222 -2.22 6.91 -34.59
N THR A 223 -2.15 6.13 -33.51
CA THR A 223 -3.11 5.06 -33.28
C THR A 223 -3.84 5.30 -31.94
N PRO A 224 -5.09 5.79 -31.95
CA PRO A 224 -5.82 6.07 -30.71
C PRO A 224 -5.92 4.81 -29.85
N SER A 225 -5.65 4.96 -28.55
CA SER A 225 -5.77 3.85 -27.62
C SER A 225 -5.99 4.41 -26.23
N PRO A 226 -7.11 4.05 -25.56
CA PRO A 226 -7.38 4.60 -24.24
C PRO A 226 -6.29 4.19 -23.22
N VAL A 227 -5.89 5.13 -22.36
CA VAL A 227 -4.96 4.85 -21.28
C VAL A 227 -5.75 4.23 -20.14
N VAL A 228 -5.20 3.17 -19.56
CA VAL A 228 -5.90 2.42 -18.54
C VAL A 228 -4.86 1.77 -17.65
N PHE A 229 -5.29 1.22 -16.50
CA PHE A 229 -4.37 0.47 -15.68
C PHE A 229 -4.11 -0.90 -16.33
N CYS A 230 -2.89 -1.08 -16.86
CA CYS A 230 -2.55 -2.28 -17.63
C CYS A 230 -1.73 -3.25 -16.79
N HIS A 231 -1.93 -4.54 -17.02
CA HIS A 231 -1.08 -5.59 -16.46
C HIS A 231 0.33 -5.57 -17.07
N ASN A 232 0.40 -5.44 -18.40
CA ASN A 232 1.65 -5.27 -19.11
C ASN A 232 2.41 -6.59 -19.32
N ASP A 233 1.88 -7.72 -18.86
CA ASP A 233 2.66 -8.96 -18.90
C ASP A 233 1.72 -10.15 -18.88
N CYS A 234 0.63 -10.03 -19.62
CA CYS A 234 -0.43 -11.01 -19.47
C CYS A 234 -0.14 -12.26 -20.29
N GLN A 235 0.75 -13.12 -19.79
CA GLN A 235 1.12 -14.37 -20.45
C GLN A 235 0.58 -15.56 -19.66
N GLU A 236 0.63 -16.77 -20.25
CA GLU A 236 0.05 -17.98 -19.64
C GLU A 236 0.60 -18.27 -18.25
N GLY A 237 1.91 -18.09 -18.06
CA GLY A 237 2.49 -18.30 -16.75
C GLY A 237 1.98 -17.33 -15.68
N ASN A 238 1.29 -16.25 -16.09
CA ASN A 238 0.78 -15.26 -15.14
C ASN A 238 -0.73 -15.35 -14.92
N ILE A 239 -1.34 -16.47 -15.35
CA ILE A 239 -2.77 -16.73 -15.24
C ILE A 239 -2.91 -18.07 -14.56
N LEU A 240 -3.58 -18.09 -13.40
CA LEU A 240 -3.77 -19.33 -12.65
C LEU A 240 -5.16 -19.87 -12.94
N LEU A 241 -5.26 -21.19 -13.06
CA LEU A 241 -6.55 -21.85 -13.25
C LEU A 241 -6.91 -22.47 -11.90
N LEU A 242 -7.99 -21.96 -11.31
CA LEU A 242 -8.23 -22.19 -9.89
C LEU A 242 -8.74 -23.62 -9.70
N GLU A 243 -8.15 -24.28 -8.70
CA GLU A 243 -8.49 -25.66 -8.40
C GLU A 243 -9.98 -25.77 -8.05
N GLY A 244 -10.60 -26.86 -8.52
CA GLY A 244 -12.00 -27.15 -8.24
C GLY A 244 -12.97 -26.27 -9.02
N ARG A 245 -12.48 -25.43 -9.95
CA ARG A 245 -13.36 -24.58 -10.74
C ARG A 245 -13.20 -24.88 -12.22
N GLU A 246 -12.50 -25.98 -12.54
CA GLU A 246 -12.18 -26.37 -13.91
C GLU A 246 -13.44 -26.52 -14.77
N ASN A 247 -14.61 -26.72 -14.13
CA ASN A 247 -15.87 -26.91 -14.84
C ASN A 247 -16.65 -25.61 -14.97
N SER A 248 -16.32 -24.61 -14.15
CA SER A 248 -16.88 -23.27 -14.30
C SER A 248 -16.66 -22.79 -15.73
N GLU A 249 -17.62 -22.04 -16.25
CA GLU A 249 -17.46 -21.51 -17.58
C GLU A 249 -16.66 -20.21 -17.52
N LYS A 250 -16.87 -19.40 -16.47
CA LYS A 250 -16.58 -17.97 -16.58
C LYS A 250 -15.81 -17.43 -15.37
N GLN A 251 -15.59 -18.26 -14.34
CA GLN A 251 -14.91 -17.77 -13.15
C GLN A 251 -13.90 -18.80 -12.66
N LYS A 252 -12.94 -19.16 -13.52
CA LYS A 252 -11.96 -20.16 -13.12
C LYS A 252 -10.51 -19.63 -13.13
N LEU A 253 -10.30 -18.33 -13.40
CA LEU A 253 -8.94 -17.81 -13.55
C LEU A 253 -8.71 -16.63 -12.64
N MET A 254 -7.44 -16.43 -12.28
CA MET A 254 -6.95 -15.21 -11.65
C MET A 254 -5.69 -14.74 -12.36
N LEU A 255 -5.59 -13.43 -12.64
CA LEU A 255 -4.38 -12.82 -13.15
C LEU A 255 -3.46 -12.57 -11.97
N ILE A 256 -2.17 -12.95 -12.10
CA ILE A 256 -1.19 -12.67 -11.06
C ILE A 256 -0.01 -11.92 -11.66
N ASP A 257 0.93 -11.50 -10.78
CA ASP A 257 2.26 -11.03 -11.11
C ASP A 257 2.20 -9.66 -11.79
N PHE A 258 2.12 -8.64 -10.96
CA PHE A 258 1.83 -7.28 -11.41
C PHE A 258 3.08 -6.40 -11.39
N GLU A 259 4.27 -7.02 -11.46
CA GLU A 259 5.52 -6.27 -11.36
C GLU A 259 5.67 -5.18 -12.44
N TYR A 260 5.09 -5.38 -13.63
CA TYR A 260 5.26 -4.45 -14.74
C TYR A 260 4.05 -3.53 -14.89
N SER A 261 3.01 -3.70 -14.08
CA SER A 261 1.74 -3.02 -14.28
C SER A 261 1.87 -1.52 -14.14
N SER A 262 1.17 -0.77 -15.01
CA SER A 262 1.20 0.67 -14.96
C SER A 262 0.09 1.22 -15.86
N TYR A 263 -0.16 2.52 -15.78
CA TYR A 263 -1.06 3.14 -16.72
C TYR A 263 -0.36 3.10 -18.08
N ASN A 264 -1.08 2.59 -19.08
CA ASN A 264 -0.51 2.29 -20.38
C ASN A 264 -1.65 2.32 -21.39
N TYR A 265 -1.29 2.36 -22.68
CA TYR A 265 -2.26 2.19 -23.75
C TYR A 265 -2.85 0.77 -23.63
N ARG A 266 -4.17 0.70 -23.64
CA ARG A 266 -4.91 -0.55 -23.58
C ARG A 266 -4.45 -1.47 -24.72
N GLY A 267 -4.10 -0.88 -25.86
CA GLY A 267 -3.69 -1.65 -27.03
C GLY A 267 -2.49 -2.53 -26.73
N PHE A 268 -1.54 -2.00 -25.95
CA PHE A 268 -0.37 -2.77 -25.54
C PHE A 268 -0.79 -4.06 -24.82
N ASP A 269 -1.72 -3.96 -23.88
CA ASP A 269 -1.97 -5.09 -22.99
C ASP A 269 -2.59 -6.22 -23.81
N ILE A 270 -3.46 -5.84 -24.76
CA ILE A 270 -4.19 -6.80 -25.58
C ILE A 270 -3.26 -7.35 -26.65
N GLY A 271 -2.56 -6.47 -27.36
CA GLY A 271 -1.54 -6.87 -28.32
C GLY A 271 -0.44 -7.74 -27.72
N ASN A 272 0.03 -7.33 -26.55
CA ASN A 272 1.01 -8.12 -25.83
C ASN A 272 0.47 -9.53 -25.57
N HIS A 273 -0.80 -9.62 -25.13
CA HIS A 273 -1.38 -10.91 -24.81
C HIS A 273 -1.49 -11.78 -26.07
N PHE A 274 -1.85 -11.16 -27.19
CA PHE A 274 -1.96 -11.91 -28.45
C PHE A 274 -0.57 -12.43 -28.85
N CYS A 275 0.47 -11.61 -28.70
CA CYS A 275 1.80 -12.09 -29.07
C CYS A 275 2.13 -13.38 -28.30
N GLU A 276 1.64 -13.46 -27.05
CA GLU A 276 1.96 -14.52 -26.11
C GLU A 276 1.38 -15.87 -26.49
N TRP A 277 0.52 -15.89 -27.51
CA TRP A 277 0.05 -17.15 -28.08
C TRP A 277 1.16 -17.84 -28.87
N MET A 278 2.23 -17.11 -29.26
CA MET A 278 3.23 -17.63 -30.19
C MET A 278 4.40 -18.26 -29.45
N TYR A 279 4.48 -18.03 -28.13
CA TYR A 279 5.64 -18.31 -27.30
C TYR A 279 5.26 -19.29 -26.21
N ASP A 280 6.08 -20.34 -26.10
CA ASP A 280 5.91 -21.35 -25.07
C ASP A 280 7.21 -21.51 -24.31
N TYR A 281 7.19 -21.15 -23.02
CA TYR A 281 8.35 -21.11 -22.14
C TYR A 281 8.51 -22.42 -21.37
N SER A 282 7.78 -23.46 -21.75
CA SER A 282 7.85 -24.69 -20.98
C SER A 282 8.87 -25.64 -21.59
N TYR A 283 9.35 -25.33 -22.81
CA TYR A 283 10.24 -26.18 -23.59
C TYR A 283 11.48 -26.53 -22.78
N GLU A 284 11.83 -27.82 -22.73
CA GLU A 284 12.71 -28.34 -21.70
C GLU A 284 14.19 -28.35 -22.14
N LYS A 285 14.50 -27.96 -23.39
CA LYS A 285 15.88 -27.81 -23.87
C LYS A 285 16.15 -26.38 -24.29
N TYR A 286 17.44 -26.00 -24.34
CA TYR A 286 17.90 -24.74 -24.90
C TYR A 286 17.22 -24.50 -26.25
N PRO A 287 16.75 -23.27 -26.58
CA PRO A 287 16.85 -22.08 -25.72
C PRO A 287 15.77 -21.90 -24.63
N PHE A 288 15.00 -22.97 -24.35
CA PHE A 288 14.04 -23.01 -23.28
C PHE A 288 12.78 -22.19 -23.63
N PHE A 289 12.46 -22.15 -24.92
CA PHE A 289 11.21 -21.62 -25.43
C PHE A 289 11.06 -22.13 -26.86
N ARG A 290 9.81 -22.24 -27.34
CA ARG A 290 9.52 -22.39 -28.76
C ARG A 290 8.68 -21.21 -29.19
N ALA A 291 8.96 -20.69 -30.38
CA ALA A 291 8.15 -19.67 -31.02
C ALA A 291 7.42 -20.32 -32.18
N ASN A 292 6.10 -20.18 -32.22
CA ASN A 292 5.31 -20.66 -33.34
C ASN A 292 4.50 -19.52 -33.92
N ILE A 293 4.99 -18.93 -35.02
CA ILE A 293 4.40 -17.70 -35.53
C ILE A 293 2.95 -17.95 -36.02
N ARG A 294 2.62 -19.21 -36.31
CA ARG A 294 1.35 -19.58 -36.92
C ARG A 294 0.28 -19.68 -35.84
N LYS A 295 0.67 -19.42 -34.58
CA LYS A 295 -0.25 -19.57 -33.48
C LYS A 295 -0.77 -18.21 -33.05
N TYR A 296 -0.33 -17.14 -33.74
CA TYR A 296 -0.92 -15.83 -33.50
C TYR A 296 -2.43 -15.94 -33.71
N PRO A 297 -3.32 -15.33 -32.87
CA PRO A 297 -4.76 -15.50 -33.05
C PRO A 297 -5.21 -15.06 -34.44
N THR A 298 -6.11 -15.85 -35.07
CA THR A 298 -6.76 -15.50 -36.33
C THR A 298 -7.72 -14.34 -36.09
N LYS A 299 -8.16 -13.70 -37.18
CA LYS A 299 -9.16 -12.65 -37.10
C LYS A 299 -10.33 -13.11 -36.22
N LYS A 300 -10.75 -14.37 -36.40
CA LYS A 300 -11.91 -14.88 -35.68
C LYS A 300 -11.64 -14.89 -34.19
N GLN A 301 -10.44 -15.39 -33.81
CA GLN A 301 -10.07 -15.60 -32.42
C GLN A 301 -9.87 -14.26 -31.72
N GLN A 302 -9.40 -13.25 -32.46
CA GLN A 302 -9.20 -11.92 -31.91
C GLN A 302 -10.57 -11.32 -31.57
N LEU A 303 -11.51 -11.51 -32.52
CA LEU A 303 -12.86 -10.99 -32.42
C LEU A 303 -13.55 -11.67 -31.24
N HIS A 304 -13.30 -12.98 -31.08
CA HIS A 304 -13.79 -13.68 -29.90
C HIS A 304 -13.31 -12.99 -28.62
N PHE A 305 -12.01 -12.64 -28.56
CA PHE A 305 -11.42 -11.99 -27.41
C PHE A 305 -12.04 -10.61 -27.18
N ILE A 306 -12.11 -9.78 -28.23
CA ILE A 306 -12.51 -8.42 -27.94
C ILE A 306 -14.03 -8.33 -27.67
N SER A 307 -14.79 -9.26 -28.24
CA SER A 307 -16.22 -9.38 -28.04
C SER A 307 -16.54 -9.72 -26.58
N SER A 308 -15.57 -10.34 -25.90
CA SER A 308 -15.73 -10.57 -24.48
C SER A 308 -15.19 -9.37 -23.70
N TYR A 309 -14.22 -8.66 -24.29
CA TYR A 309 -13.55 -7.53 -23.64
C TYR A 309 -14.48 -6.32 -23.58
N LEU A 310 -15.08 -5.94 -24.72
CA LEU A 310 -15.75 -4.64 -24.83
C LEU A 310 -16.94 -4.57 -23.89
N PRO A 311 -17.86 -5.55 -23.88
CA PRO A 311 -18.92 -5.61 -22.87
C PRO A 311 -18.44 -5.48 -21.42
N ALA A 312 -17.30 -6.11 -21.09
CA ALA A 312 -16.79 -6.06 -19.73
C ALA A 312 -16.12 -4.72 -19.41
N PHE A 313 -15.66 -3.97 -20.42
CA PHE A 313 -14.92 -2.76 -20.13
C PHE A 313 -15.83 -1.52 -20.19
N GLN A 314 -16.88 -1.56 -21.02
CA GLN A 314 -17.85 -0.47 -21.16
C GLN A 314 -19.25 -1.10 -21.13
N ASN A 315 -19.95 -1.02 -20.00
CA ASN A 315 -21.09 -1.89 -19.71
C ASN A 315 -22.24 -1.75 -20.71
N ASP A 316 -22.35 -0.57 -21.34
CA ASP A 316 -23.44 -0.20 -22.22
C ASP A 316 -23.14 -0.53 -23.69
N PHE A 317 -21.99 -1.20 -23.97
CA PHE A 317 -21.53 -1.57 -25.31
C PHE A 317 -22.52 -2.56 -25.92
N GLU A 318 -23.04 -3.44 -25.05
CA GLU A 318 -24.07 -4.42 -25.33
C GLU A 318 -25.26 -3.79 -26.08
N ASN A 319 -25.55 -2.51 -25.80
CA ASN A 319 -26.78 -1.87 -26.26
C ASN A 319 -26.53 -0.96 -27.46
N LEU A 320 -25.38 -1.12 -28.12
CA LEU A 320 -25.16 -0.41 -29.37
C LEU A 320 -25.80 -1.22 -30.51
N SER A 321 -26.02 -0.57 -31.65
CA SER A 321 -26.45 -1.26 -32.87
C SER A 321 -25.35 -2.16 -33.41
N THR A 322 -25.77 -3.26 -34.05
CA THR A 322 -24.88 -4.19 -34.74
C THR A 322 -23.79 -3.40 -35.50
N GLU A 323 -24.21 -2.37 -36.24
CA GLU A 323 -23.31 -1.59 -37.04
C GLU A 323 -22.28 -0.91 -36.14
N GLU A 324 -22.71 -0.32 -35.03
CA GLU A 324 -21.80 0.52 -34.25
C GLU A 324 -20.78 -0.34 -33.52
N LYS A 325 -21.26 -1.48 -32.98
CA LYS A 325 -20.42 -2.51 -32.38
C LYS A 325 -19.34 -2.93 -33.38
N SER A 326 -19.74 -3.20 -34.62
CA SER A 326 -18.85 -3.78 -35.62
C SER A 326 -17.80 -2.75 -36.08
N ILE A 327 -18.14 -1.47 -36.03
CA ILE A 327 -17.20 -0.43 -36.41
C ILE A 327 -16.14 -0.30 -35.32
N ILE A 328 -16.57 -0.41 -34.05
CA ILE A 328 -15.70 -0.27 -32.89
C ILE A 328 -14.71 -1.43 -32.90
N LYS A 329 -15.23 -2.64 -33.19
CA LYS A 329 -14.44 -3.87 -33.19
C LYS A 329 -13.36 -3.84 -34.26
N GLU A 330 -13.70 -3.38 -35.47
CA GLU A 330 -12.73 -3.34 -36.56
C GLU A 330 -11.61 -2.37 -36.23
N GLU A 331 -11.99 -1.20 -35.70
CA GLU A 331 -11.05 -0.19 -35.24
C GLU A 331 -10.12 -0.79 -34.18
N MET A 332 -10.70 -1.57 -33.28
CA MET A 332 -9.96 -2.10 -32.16
C MET A 332 -8.91 -3.11 -32.64
N LEU A 333 -9.24 -3.93 -33.65
CA LEU A 333 -8.31 -4.85 -34.27
C LEU A 333 -7.10 -4.14 -34.90
N LEU A 334 -7.31 -3.01 -35.60
CA LEU A 334 -6.17 -2.28 -36.10
C LEU A 334 -5.31 -1.83 -34.91
N GLU A 335 -5.97 -1.35 -33.84
CA GLU A 335 -5.31 -0.80 -32.67
C GLU A 335 -4.33 -1.83 -32.07
N VAL A 336 -4.87 -2.99 -31.73
CA VAL A 336 -4.15 -3.97 -30.92
C VAL A 336 -3.05 -4.60 -31.74
N ASN A 337 -3.29 -4.75 -33.06
CA ASN A 337 -2.32 -5.31 -33.97
C ASN A 337 -1.17 -4.35 -34.23
N ARG A 338 -1.45 -3.05 -34.20
CA ARG A 338 -0.34 -2.10 -34.24
C ARG A 338 0.46 -2.16 -32.93
N PHE A 339 -0.22 -2.23 -31.78
CA PHE A 339 0.46 -2.15 -30.49
C PHE A 339 1.27 -3.42 -30.23
N ALA A 340 0.81 -4.54 -30.79
CA ALA A 340 1.54 -5.79 -30.73
C ALA A 340 2.99 -5.57 -31.22
N LEU A 341 3.23 -4.58 -32.10
CA LEU A 341 4.59 -4.25 -32.50
C LEU A 341 5.44 -3.79 -31.31
N ALA A 342 4.85 -3.00 -30.40
CA ALA A 342 5.58 -2.52 -29.23
C ALA A 342 5.91 -3.68 -28.30
N SER A 343 5.03 -4.68 -28.25
CA SER A 343 5.34 -5.87 -27.45
C SER A 343 6.60 -6.54 -27.98
N HIS A 344 6.65 -6.82 -29.28
CA HIS A 344 7.84 -7.39 -29.89
C HIS A 344 9.07 -6.56 -29.57
N PHE A 345 8.97 -5.25 -29.79
CA PHE A 345 10.12 -4.36 -29.73
C PHE A 345 10.62 -4.29 -28.28
N LEU A 346 9.68 -4.13 -27.34
CA LEU A 346 9.99 -3.97 -25.93
C LEU A 346 10.63 -5.23 -25.38
N TRP A 347 10.06 -6.41 -25.66
CA TRP A 347 10.60 -7.57 -24.97
C TRP A 347 11.89 -8.03 -25.65
N GLY A 348 12.01 -7.69 -26.94
CA GLY A 348 13.25 -7.90 -27.67
C GLY A 348 14.38 -7.13 -27.00
N LEU A 349 14.18 -5.84 -26.76
CA LEU A 349 15.28 -5.08 -26.17
C LEU A 349 15.57 -5.65 -24.80
N TRP A 350 14.49 -5.83 -24.00
CA TRP A 350 14.54 -6.36 -22.64
C TRP A 350 15.38 -7.62 -22.61
N SER A 351 15.22 -8.42 -23.65
CA SER A 351 15.80 -9.74 -23.64
C SER A 351 17.29 -9.64 -23.94
N ILE A 352 17.71 -8.65 -24.76
CA ILE A 352 19.13 -8.40 -24.94
C ILE A 352 19.78 -8.04 -23.59
N VAL A 353 19.15 -7.18 -22.81
CA VAL A 353 19.70 -6.79 -21.51
C VAL A 353 19.78 -8.00 -20.57
N GLN A 354 18.78 -8.92 -20.63
CA GLN A 354 18.79 -10.06 -19.71
C GLN A 354 19.95 -11.00 -20.03
N ALA A 355 20.31 -11.11 -21.31
CA ALA A 355 21.41 -11.96 -21.74
C ALA A 355 22.69 -11.55 -21.01
N LYS A 356 22.87 -10.25 -20.80
CA LYS A 356 24.00 -9.68 -20.08
C LYS A 356 23.95 -10.04 -18.59
N ILE A 357 22.82 -9.73 -17.92
CA ILE A 357 22.77 -9.51 -16.47
C ILE A 357 22.00 -10.62 -15.75
N SER A 358 21.28 -11.48 -16.48
CA SER A 358 20.37 -12.38 -15.78
C SER A 358 21.06 -13.68 -15.38
N SER A 359 20.60 -14.26 -14.28
CA SER A 359 21.17 -15.48 -13.74
C SER A 359 20.37 -16.67 -14.26
N ILE A 360 19.19 -16.39 -14.84
CA ILE A 360 18.24 -17.44 -15.16
C ILE A 360 18.73 -18.16 -16.41
N GLU A 361 18.51 -19.49 -16.45
CA GLU A 361 18.91 -20.32 -17.58
C GLU A 361 17.88 -20.21 -18.70
N PHE A 362 18.19 -19.35 -19.69
CA PHE A 362 17.26 -19.07 -20.78
C PHE A 362 18.03 -18.50 -21.97
N GLY A 363 17.64 -18.89 -23.19
CA GLY A 363 18.23 -18.35 -24.40
C GLY A 363 17.69 -16.97 -24.76
N TYR A 364 18.12 -15.96 -24.01
CA TYR A 364 17.70 -14.58 -24.22
C TYR A 364 17.95 -14.06 -25.61
N MET A 365 19.15 -14.34 -26.15
CA MET A 365 19.56 -13.72 -27.40
C MET A 365 18.72 -14.31 -28.53
N ASP A 366 18.44 -15.62 -28.46
CA ASP A 366 17.60 -16.25 -29.47
C ASP A 366 16.16 -15.73 -29.36
N TYR A 367 15.69 -15.55 -28.12
CA TYR A 367 14.37 -14.99 -27.83
C TYR A 367 14.29 -13.57 -28.37
N ALA A 368 15.37 -12.78 -28.23
CA ALA A 368 15.40 -11.44 -28.78
C ALA A 368 15.26 -11.49 -30.30
N GLN A 369 15.97 -12.43 -30.93
CA GLN A 369 15.93 -12.49 -32.38
C GLN A 369 14.54 -12.92 -32.80
N ALA A 370 13.95 -13.85 -32.06
CA ALA A 370 12.58 -14.30 -32.34
C ALA A 370 11.57 -13.13 -32.25
N ARG A 371 11.69 -12.24 -31.26
CA ARG A 371 10.76 -11.14 -31.11
C ARG A 371 10.95 -10.11 -32.22
N PHE A 372 12.20 -9.89 -32.64
CA PHE A 372 12.47 -8.95 -33.75
C PHE A 372 12.02 -9.55 -35.09
N ASP A 373 12.28 -10.84 -35.31
CA ASP A 373 11.71 -11.48 -36.50
C ASP A 373 10.20 -11.25 -36.54
N ALA A 374 9.53 -11.48 -35.41
CA ALA A 374 8.09 -11.31 -35.36
C ALA A 374 7.71 -9.84 -35.56
N TYR A 375 8.51 -8.91 -34.99
CA TYR A 375 8.30 -7.49 -35.24
C TYR A 375 8.29 -7.19 -36.73
N PHE A 376 9.28 -7.68 -37.49
CA PHE A 376 9.37 -7.29 -38.90
C PHE A 376 8.29 -8.00 -39.73
N HIS A 377 7.96 -9.24 -39.39
CA HIS A 377 6.87 -9.96 -40.00
C HIS A 377 5.54 -9.23 -39.81
N GLN A 378 5.27 -8.76 -38.58
CA GLN A 378 4.01 -8.08 -38.30
C GLN A 378 3.95 -6.76 -39.09
N LYS A 379 5.05 -6.01 -39.18
CA LYS A 379 5.02 -4.79 -40.02
C LYS A 379 4.65 -5.11 -41.46
N ARG A 380 5.17 -6.23 -41.99
CA ARG A 380 4.88 -6.67 -43.34
C ARG A 380 3.39 -7.01 -43.45
N LYS A 381 2.87 -7.72 -42.45
CA LYS A 381 1.46 -8.12 -42.45
C LYS A 381 0.57 -6.88 -42.48
N LEU A 382 1.00 -5.79 -41.80
CA LEU A 382 0.13 -4.65 -41.59
C LEU A 382 0.31 -3.64 -42.72
N GLY A 383 1.45 -3.73 -43.41
CA GLY A 383 1.74 -2.83 -44.51
C GLY A 383 2.28 -1.49 -43.99
N VAL A 384 3.07 -1.57 -42.92
CA VAL A 384 3.66 -0.41 -42.28
C VAL A 384 5.18 -0.47 -42.52
N GLU B 8 -2.94 31.88 2.40
CA GLU B 8 -1.50 32.10 2.08
C GLU B 8 -1.09 31.28 0.86
N GLN B 9 0.03 31.68 0.23
CA GLN B 9 0.48 31.18 -1.05
C GLN B 9 1.84 30.48 -0.88
N PRO B 10 2.11 29.36 -1.61
CA PRO B 10 3.45 28.76 -1.69
C PRO B 10 4.34 29.41 -2.75
N GLU B 11 5.63 29.01 -2.76
CA GLU B 11 6.62 29.67 -3.61
C GLU B 11 6.49 29.15 -5.04
N PRO B 12 6.61 30.03 -6.08
CA PRO B 12 6.14 29.67 -7.43
C PRO B 12 6.59 28.33 -8.01
N ARG B 13 7.80 27.88 -7.63
CA ARG B 13 8.42 26.68 -8.16
C ARG B 13 7.77 25.43 -7.53
N THR B 14 7.16 25.60 -6.36
CA THR B 14 6.43 24.53 -5.71
C THR B 14 5.03 24.42 -6.31
N ARG B 15 4.40 25.58 -6.51
CA ARG B 15 3.11 25.72 -7.16
C ARG B 15 3.16 24.96 -8.49
N ARG B 16 4.33 24.99 -9.14
CA ARG B 16 4.54 24.27 -10.38
C ARG B 16 4.50 22.77 -10.11
N ARG B 17 5.30 22.32 -9.14
CA ARG B 17 5.38 20.91 -8.77
C ARG B 17 3.98 20.41 -8.44
N ALA B 18 3.24 21.18 -7.62
CA ALA B 18 1.89 20.82 -7.21
C ALA B 18 0.96 20.66 -8.42
N TYR B 19 1.00 21.65 -9.32
CA TYR B 19 0.21 21.67 -10.55
C TYR B 19 0.38 20.38 -11.34
N LEU B 20 1.63 19.92 -11.49
CA LEU B 20 1.99 18.77 -12.31
C LEU B 20 1.55 17.44 -11.67
N TRP B 21 1.79 17.26 -10.37
CA TRP B 21 1.21 16.15 -9.65
C TRP B 21 -0.29 16.06 -9.89
N CYS B 22 -1.04 17.15 -9.65
CA CYS B 22 -2.49 17.10 -9.80
C CYS B 22 -2.91 16.76 -11.24
N LYS B 23 -2.20 17.34 -12.22
CA LYS B 23 -2.58 17.21 -13.62
C LYS B 23 -2.33 15.76 -14.08
N GLU B 24 -1.31 15.11 -13.51
CA GLU B 24 -0.86 13.81 -13.96
C GLU B 24 -1.52 12.69 -13.16
N PHE B 25 -1.91 12.95 -11.89
CA PHE B 25 -2.46 11.90 -11.05
C PHE B 25 -3.97 11.96 -10.98
N LEU B 26 -4.58 13.14 -11.20
CA LEU B 26 -6.01 13.21 -10.94
C LEU B 26 -6.76 13.01 -12.24
N PRO B 27 -7.96 12.41 -12.26
CA PRO B 27 -8.72 12.28 -13.51
C PRO B 27 -9.61 13.47 -13.90
N GLY B 28 -10.19 13.40 -15.11
CA GLY B 28 -11.24 14.34 -15.51
C GLY B 28 -10.67 15.75 -15.72
N ALA B 29 -11.34 16.75 -15.16
CA ALA B 29 -11.10 18.14 -15.46
C ALA B 29 -9.67 18.57 -15.11
N TRP B 30 -9.01 17.84 -14.20
CA TRP B 30 -7.63 18.11 -13.78
C TRP B 30 -6.64 17.92 -14.91
N ARG B 31 -6.92 16.96 -15.81
CA ARG B 31 -5.93 16.55 -16.81
C ARG B 31 -5.69 17.66 -17.83
N GLY B 32 -6.67 18.53 -18.05
CA GLY B 32 -6.53 19.56 -19.07
C GLY B 32 -6.48 20.97 -18.50
N LEU B 33 -6.05 21.07 -17.23
CA LEU B 33 -5.92 22.35 -16.55
C LEU B 33 -4.63 22.99 -17.01
N ARG B 34 -4.67 24.31 -17.24
CA ARG B 34 -3.43 25.05 -17.42
C ARG B 34 -2.90 25.48 -16.05
N GLU B 35 -1.57 25.64 -15.97
CA GLU B 35 -0.85 26.22 -14.85
C GLU B 35 -1.62 27.42 -14.31
N ASP B 36 -2.05 28.31 -15.21
CA ASP B 36 -2.69 29.54 -14.77
C ASP B 36 -4.07 29.31 -14.16
N GLU B 37 -4.66 28.12 -14.31
CA GLU B 37 -6.01 27.92 -13.77
C GLU B 37 -5.95 27.14 -12.44
N PHE B 38 -4.73 26.77 -12.01
CA PHE B 38 -4.52 25.93 -10.84
C PHE B 38 -4.57 26.77 -9.55
N HIS B 39 -5.46 26.40 -8.62
CA HIS B 39 -5.64 27.05 -7.32
C HIS B 39 -5.05 26.18 -6.21
N ILE B 40 -3.94 26.65 -5.62
CA ILE B 40 -3.37 26.00 -4.45
C ILE B 40 -3.29 27.01 -3.30
N SER B 41 -3.59 26.56 -2.09
CA SER B 41 -3.23 27.37 -0.93
C SER B 41 -2.73 26.52 0.23
N VAL B 42 -1.96 27.14 1.14
CA VAL B 42 -1.32 26.50 2.28
C VAL B 42 -2.35 26.18 3.36
N ILE B 43 -2.37 24.93 3.85
CA ILE B 43 -3.16 24.62 5.03
C ILE B 43 -2.25 24.67 6.27
N ARG B 44 -1.08 24.05 6.16
CA ARG B 44 -0.09 24.01 7.23
C ARG B 44 1.31 24.07 6.60
N GLY B 45 2.09 25.08 7.04
CA GLY B 45 3.48 25.31 6.63
C GLY B 45 4.47 24.44 7.40
N GLY B 46 5.73 24.90 7.47
CA GLY B 46 6.76 24.20 8.22
C GLY B 46 7.83 23.60 7.31
N LEU B 47 8.43 22.50 7.76
CA LEU B 47 9.55 21.87 7.05
C LEU B 47 9.31 20.36 6.93
N SER B 48 8.37 19.83 7.73
CA SER B 48 7.89 18.47 7.53
C SER B 48 6.37 18.47 7.43
N ASN B 49 5.82 17.33 6.96
CA ASN B 49 4.41 17.07 6.66
C ASN B 49 3.58 18.31 6.33
N MET B 50 3.99 19.06 5.29
CA MET B 50 3.28 20.25 4.85
C MET B 50 1.98 19.89 4.12
N LEU B 51 0.95 20.71 4.33
CA LEU B 51 -0.38 20.43 3.82
C LEU B 51 -0.83 21.60 2.96
N PHE B 52 -1.47 21.28 1.82
CA PHE B 52 -1.98 22.26 0.88
C PHE B 52 -3.32 21.79 0.37
N GLN B 53 -4.23 22.73 0.11
CA GLN B 53 -5.47 22.45 -0.60
C GLN B 53 -5.28 22.86 -2.06
N CYS B 54 -5.55 21.93 -2.99
CA CYS B 54 -5.52 22.21 -4.42
C CYS B 54 -6.95 22.09 -4.93
N SER B 55 -7.35 22.95 -5.87
CA SER B 55 -8.73 22.98 -6.35
C SER B 55 -8.80 23.38 -7.83
N LEU B 56 -9.85 22.87 -8.48
CA LEU B 56 -10.31 23.35 -9.78
C LEU B 56 -10.83 24.78 -9.66
N PRO B 57 -10.73 25.62 -10.71
CA PRO B 57 -11.52 26.86 -10.77
C PRO B 57 -12.98 26.54 -10.50
N ASP B 58 -13.69 27.44 -9.81
CA ASP B 58 -15.11 27.21 -9.58
C ASP B 58 -15.88 27.23 -10.92
N THR B 59 -15.32 27.92 -11.92
CA THR B 59 -15.90 27.97 -13.25
C THR B 59 -15.68 26.70 -14.06
N THR B 60 -14.66 25.88 -13.72
CA THR B 60 -14.43 24.64 -14.45
C THR B 60 -15.43 23.57 -14.00
N ALA B 61 -15.95 22.84 -14.98
CA ALA B 61 -16.97 21.84 -14.76
C ALA B 61 -16.29 20.49 -14.60
N THR B 62 -16.84 19.65 -13.71
CA THR B 62 -16.34 18.31 -13.52
C THR B 62 -16.85 17.42 -14.65
N LEU B 63 -15.98 16.56 -15.18
CA LEU B 63 -16.31 15.66 -16.27
C LEU B 63 -17.00 14.42 -15.73
N GLY B 64 -16.67 14.04 -14.48
CA GLY B 64 -17.00 12.71 -14.02
C GLY B 64 -17.19 12.70 -12.52
N ASP B 65 -16.42 11.84 -11.82
CA ASP B 65 -16.53 11.77 -10.37
C ASP B 65 -15.24 12.27 -9.71
N GLU B 66 -14.37 12.92 -10.48
CA GLU B 66 -13.16 13.47 -9.93
C GLU B 66 -13.47 14.51 -8.84
N PRO B 67 -12.65 14.60 -7.77
CA PRO B 67 -12.86 15.61 -6.74
C PRO B 67 -12.60 16.99 -7.32
N ARG B 68 -13.31 17.99 -6.78
CA ARG B 68 -13.12 19.39 -7.09
C ARG B 68 -11.91 19.92 -6.32
N LYS B 69 -11.63 19.29 -5.18
CA LYS B 69 -10.62 19.79 -4.25
C LYS B 69 -9.90 18.59 -3.62
N VAL B 70 -8.58 18.68 -3.48
CA VAL B 70 -7.78 17.62 -2.88
C VAL B 70 -6.78 18.24 -1.90
N LEU B 71 -6.29 17.39 -1.00
CA LEU B 71 -5.21 17.80 -0.14
C LEU B 71 -3.89 17.27 -0.68
N LEU B 72 -2.90 18.17 -0.82
CA LEU B 72 -1.51 17.79 -1.07
C LEU B 72 -0.75 17.70 0.26
N ARG B 73 -0.06 16.56 0.49
CA ARG B 73 0.80 16.35 1.64
C ARG B 73 2.22 16.11 1.14
N LEU B 74 3.16 16.95 1.56
CA LEU B 74 4.57 16.80 1.21
C LEU B 74 5.31 16.35 2.45
N TYR B 75 6.00 15.19 2.38
CA TYR B 75 6.73 14.63 3.51
C TYR B 75 7.75 15.62 4.05
N GLY B 76 8.74 16.01 3.22
CA GLY B 76 9.87 16.83 3.64
C GLY B 76 10.98 15.98 4.27
N ALA B 77 10.71 15.43 5.47
CA ALA B 77 11.65 14.76 6.36
C ALA B 77 12.90 15.63 6.55
N GLU B 102 11.77 2.06 4.33
CA GLU B 102 11.23 0.91 5.11
C GLU B 102 9.97 1.36 5.84
N ALA B 103 10.07 2.53 6.50
CA ALA B 103 8.98 3.14 7.22
C ALA B 103 7.93 3.62 6.22
N MET B 104 8.46 4.10 5.09
CA MET B 104 7.73 4.59 3.94
C MET B 104 6.73 3.57 3.37
N VAL B 105 7.22 2.36 3.16
CA VAL B 105 6.45 1.25 2.59
C VAL B 105 5.25 0.97 3.48
N LEU B 106 5.50 0.86 4.80
CA LEU B 106 4.44 0.39 5.68
C LEU B 106 3.37 1.45 5.77
N GLU B 107 3.81 2.70 5.95
CA GLU B 107 2.89 3.83 6.10
C GLU B 107 2.01 3.98 4.85
N SER B 108 2.62 3.91 3.65
CA SER B 108 1.90 4.00 2.38
C SER B 108 0.90 2.86 2.24
N VAL B 109 1.32 1.62 2.58
CA VAL B 109 0.45 0.45 2.41
C VAL B 109 -0.71 0.56 3.39
N MET B 110 -0.38 0.97 4.62
CA MET B 110 -1.37 1.18 5.66
C MET B 110 -2.38 2.23 5.20
N PHE B 111 -1.87 3.36 4.68
CA PHE B 111 -2.75 4.43 4.21
C PHE B 111 -3.64 3.89 3.09
N ALA B 112 -3.07 3.07 2.21
CA ALA B 112 -3.84 2.62 1.05
C ALA B 112 -4.97 1.70 1.49
N ILE B 113 -4.68 0.81 2.44
CA ILE B 113 -5.66 -0.12 3.00
C ILE B 113 -6.78 0.65 3.70
N LEU B 114 -6.41 1.58 4.60
CA LEU B 114 -7.45 2.27 5.35
C LEU B 114 -8.34 3.06 4.37
N ALA B 115 -7.73 3.59 3.29
CA ALA B 115 -8.55 4.24 2.26
C ALA B 115 -9.46 3.22 1.56
N GLU B 116 -8.95 2.01 1.25
CA GLU B 116 -9.83 1.04 0.58
C GLU B 116 -11.04 0.68 1.44
N ARG B 117 -10.83 0.68 2.75
CA ARG B 117 -11.82 0.21 3.69
C ARG B 117 -12.74 1.35 4.14
N SER B 118 -12.51 2.57 3.63
CA SER B 118 -13.32 3.75 3.97
C SER B 118 -13.12 4.16 5.43
N LEU B 119 -11.93 3.92 5.96
CA LEU B 119 -11.68 4.33 7.32
C LEU B 119 -10.82 5.59 7.38
N GLY B 120 -9.99 5.79 6.35
CA GLY B 120 -9.26 7.04 6.20
C GLY B 120 -9.66 7.82 4.94
N PRO B 121 -9.03 8.98 4.70
CA PRO B 121 -9.23 9.69 3.45
C PRO B 121 -8.79 8.83 2.25
N LYS B 122 -9.47 8.98 1.11
CA LYS B 122 -9.10 8.29 -0.13
C LYS B 122 -7.70 8.72 -0.56
N LEU B 123 -6.99 7.78 -1.21
CA LEU B 123 -5.65 8.05 -1.72
C LEU B 123 -5.72 8.27 -3.23
N TYR B 124 -5.31 9.45 -3.70
CA TYR B 124 -5.45 9.80 -5.11
C TYR B 124 -4.13 9.63 -5.86
N GLY B 125 -3.02 9.77 -5.14
CA GLY B 125 -1.74 9.80 -5.81
C GLY B 125 -0.62 9.60 -4.79
N ILE B 126 0.40 8.83 -5.18
CA ILE B 126 1.53 8.66 -4.31
C ILE B 126 2.81 8.84 -5.13
N PHE B 127 3.76 9.61 -4.60
CA PHE B 127 4.96 9.91 -5.35
C PHE B 127 6.07 10.17 -4.33
N PRO B 128 7.36 10.10 -4.71
CA PRO B 128 8.44 10.16 -3.71
C PRO B 128 8.32 11.30 -2.70
N GLN B 129 7.75 12.45 -3.09
CA GLN B 129 7.80 13.64 -2.27
C GLN B 129 6.59 13.75 -1.34
N GLY B 130 5.59 12.89 -1.52
CA GLY B 130 4.32 13.15 -0.86
C GLY B 130 3.15 12.37 -1.42
N ARG B 131 1.94 12.84 -1.15
CA ARG B 131 0.79 12.18 -1.72
C ARG B 131 -0.37 13.15 -1.89
N LEU B 132 -1.32 12.71 -2.73
CA LEU B 132 -2.57 13.43 -2.90
C LEU B 132 -3.66 12.62 -2.24
N GLU B 133 -4.49 13.27 -1.42
CA GLU B 133 -5.46 12.55 -0.61
C GLU B 133 -6.79 13.29 -0.70
N GLN B 134 -7.88 12.58 -0.44
CA GLN B 134 -9.17 13.24 -0.32
C GLN B 134 -9.07 14.42 0.65
N PHE B 135 -9.65 15.57 0.28
CA PHE B 135 -9.91 16.65 1.21
C PHE B 135 -11.25 16.44 1.90
N ILE B 136 -11.20 16.31 3.24
CA ILE B 136 -12.36 16.06 4.06
C ILE B 136 -12.83 17.41 4.60
N PRO B 137 -14.01 17.93 4.19
CA PRO B 137 -14.51 19.19 4.75
C PRO B 137 -14.91 18.96 6.22
N SER B 138 -14.25 19.68 7.13
CA SER B 138 -14.34 19.34 8.55
C SER B 138 -13.50 20.33 9.37
N ARG B 139 -13.48 20.17 10.71
CA ARG B 139 -12.46 20.82 11.53
C ARG B 139 -11.92 19.80 12.55
N ARG B 140 -10.75 20.09 13.13
CA ARG B 140 -10.16 19.30 14.21
C ARG B 140 -10.99 19.52 15.48
N LEU B 141 -11.01 18.53 16.39
CA LEU B 141 -11.68 18.70 17.67
C LEU B 141 -10.81 19.54 18.57
N ASP B 142 -11.45 20.18 19.55
CA ASP B 142 -10.75 20.94 20.59
C ASP B 142 -10.62 20.00 21.78
N THR B 143 -9.64 20.24 22.65
CA THR B 143 -9.49 19.47 23.87
C THR B 143 -10.81 19.30 24.64
N GLU B 144 -11.55 20.39 24.83
CA GLU B 144 -12.73 20.35 25.68
C GLU B 144 -13.78 19.42 25.08
N GLU B 145 -13.73 19.24 23.76
CA GLU B 145 -14.76 18.44 23.12
C GLU B 145 -14.62 16.96 23.43
N LEU B 146 -13.41 16.50 23.82
CA LEU B 146 -13.20 15.09 24.10
C LEU B 146 -14.14 14.57 25.20
N SER B 147 -14.59 15.45 26.11
CA SER B 147 -15.39 15.01 27.26
C SER B 147 -16.89 15.08 27.02
N LEU B 148 -17.35 15.55 25.84
CA LEU B 148 -18.77 15.61 25.57
C LEU B 148 -19.28 14.19 25.31
N PRO B 149 -20.35 13.74 26.01
CA PRO B 149 -20.78 12.34 25.94
C PRO B 149 -20.87 11.70 24.55
N ASP B 150 -21.50 12.41 23.58
CA ASP B 150 -21.70 11.90 22.24
C ASP B 150 -20.39 11.79 21.48
N ILE B 151 -19.50 12.80 21.60
CA ILE B 151 -18.19 12.78 20.99
C ILE B 151 -17.42 11.55 21.48
N SER B 152 -17.29 11.45 22.81
CA SER B 152 -16.53 10.40 23.46
C SER B 152 -17.00 9.02 23.02
N ALA B 153 -18.33 8.85 22.97
CA ALA B 153 -18.90 7.57 22.61
C ALA B 153 -18.46 7.18 21.21
N GLU B 154 -18.47 8.16 20.28
CA GLU B 154 -18.16 7.86 18.89
C GLU B 154 -16.66 7.62 18.70
N ILE B 155 -15.84 8.40 19.41
CA ILE B 155 -14.40 8.16 19.42
C ILE B 155 -14.17 6.70 19.81
N ALA B 156 -14.92 6.20 20.82
CA ALA B 156 -14.73 4.85 21.32
C ALA B 156 -15.09 3.81 20.26
N GLU B 157 -16.13 4.09 19.49
CA GLU B 157 -16.61 3.16 18.47
C GLU B 157 -15.62 3.14 17.32
N LYS B 158 -15.11 4.31 16.95
CA LYS B 158 -14.14 4.48 15.89
C LYS B 158 -12.88 3.72 16.30
N MET B 159 -12.45 3.93 17.55
CA MET B 159 -11.29 3.25 18.08
C MET B 159 -11.53 1.74 18.06
N ALA B 160 -12.74 1.30 18.41
CA ALA B 160 -12.96 -0.14 18.43
C ALA B 160 -12.93 -0.69 17.01
N THR B 161 -13.61 -0.02 16.08
CA THR B 161 -13.55 -0.35 14.67
C THR B 161 -12.08 -0.50 14.24
N PHE B 162 -11.29 0.54 14.52
CA PHE B 162 -9.90 0.62 14.13
C PHE B 162 -9.17 -0.59 14.69
N HIS B 163 -9.52 -0.98 15.93
CA HIS B 163 -8.85 -2.11 16.60
C HIS B 163 -9.23 -3.44 15.95
N GLY B 164 -10.33 -3.44 15.20
CA GLY B 164 -10.78 -4.60 14.43
C GLY B 164 -9.88 -4.93 13.23
N MET B 165 -9.33 -3.90 12.56
CA MET B 165 -8.56 -4.02 11.32
C MET B 165 -7.53 -5.15 11.44
N LYS B 166 -7.53 -6.03 10.44
CA LYS B 166 -6.40 -6.91 10.16
C LYS B 166 -5.45 -6.16 9.25
N MET B 167 -4.18 -6.14 9.61
CA MET B 167 -3.25 -5.36 8.81
C MET B 167 -2.02 -6.23 8.58
N PRO B 168 -1.35 -6.14 7.41
CA PRO B 168 -0.28 -7.08 7.08
C PRO B 168 1.03 -6.71 7.77
N PHE B 169 0.92 -6.39 9.08
CA PHE B 169 2.08 -5.95 9.84
C PHE B 169 2.39 -6.92 10.97
N ASN B 170 3.50 -6.69 11.68
CA ASN B 170 3.97 -7.65 12.67
C ASN B 170 3.01 -7.66 13.84
N LYS B 171 2.52 -8.83 14.27
CA LYS B 171 1.50 -8.88 15.29
C LYS B 171 2.11 -8.85 16.69
N GLU B 172 3.44 -8.94 16.80
CA GLU B 172 4.09 -8.98 18.11
C GLU B 172 4.05 -7.57 18.72
N PRO B 173 3.60 -7.41 19.99
CA PRO B 173 3.51 -6.07 20.60
C PRO B 173 4.83 -5.44 21.01
N LYS B 174 5.72 -5.14 20.06
CA LYS B 174 7.05 -4.67 20.44
C LYS B 174 7.20 -3.14 20.31
N TRP B 175 6.20 -2.47 19.76
CA TRP B 175 6.31 -1.06 19.48
C TRP B 175 6.52 -0.25 20.78
N LEU B 176 5.76 -0.61 21.83
CA LEU B 176 5.68 0.20 23.03
C LEU B 176 7.05 0.31 23.68
N PHE B 177 7.65 -0.85 23.96
CA PHE B 177 8.92 -0.84 24.66
C PHE B 177 10.07 -0.73 23.66
N GLY B 178 9.86 -1.15 22.42
CA GLY B 178 10.82 -0.82 21.39
C GLY B 178 11.01 0.69 21.31
N THR B 179 9.89 1.43 21.26
CA THR B 179 9.91 2.87 21.06
C THR B 179 10.52 3.52 22.29
N MET B 180 10.04 3.12 23.48
CA MET B 180 10.55 3.69 24.73
C MET B 180 12.02 3.38 24.94
N GLU B 181 12.47 2.16 24.59
CA GLU B 181 13.89 1.85 24.71
C GLU B 181 14.72 2.80 23.84
N LYS B 182 14.29 2.97 22.58
CA LYS B 182 14.97 3.80 21.59
C LYS B 182 15.09 5.25 22.08
N TYR B 183 13.98 5.84 22.55
CA TYR B 183 14.02 7.23 23.00
C TYR B 183 14.92 7.38 24.23
N LEU B 184 14.87 6.42 25.17
CA LEU B 184 15.70 6.50 26.35
C LEU B 184 17.18 6.48 25.96
N LYS B 185 17.53 5.58 25.03
CA LYS B 185 18.89 5.44 24.53
C LYS B 185 19.38 6.76 23.95
N GLU B 186 18.49 7.48 23.23
CA GLU B 186 18.86 8.79 22.73
C GLU B 186 18.92 9.78 23.88
N VAL B 187 17.95 9.70 24.81
CA VAL B 187 17.83 10.68 25.89
C VAL B 187 19.15 10.74 26.66
N LEU B 188 19.76 9.57 26.91
CA LEU B 188 21.01 9.45 27.65
C LEU B 188 22.19 10.06 26.88
N ARG B 189 22.13 10.11 25.54
CA ARG B 189 23.23 10.64 24.76
C ARG B 189 23.13 12.17 24.57
N ILE B 190 22.09 12.80 25.13
CA ILE B 190 21.80 14.21 24.88
C ILE B 190 22.62 15.11 25.82
N LYS B 191 23.29 16.11 25.23
CA LYS B 191 23.99 17.17 25.97
C LYS B 191 23.58 18.53 25.40
N PHE B 192 22.89 19.36 26.20
CA PHE B 192 22.45 20.69 25.81
C PHE B 192 23.51 21.74 26.14
N THR B 193 23.40 22.94 25.53
CA THR B 193 24.38 23.98 25.80
C THR B 193 23.73 25.13 26.59
N GLU B 194 22.47 25.44 26.30
CA GLU B 194 21.77 26.55 26.92
C GLU B 194 21.35 26.22 28.35
N GLU B 195 21.49 27.20 29.26
CA GLU B 195 21.34 27.06 30.70
C GLU B 195 20.05 26.33 31.08
N SER B 196 18.91 26.88 30.63
CA SER B 196 17.56 26.48 31.04
C SER B 196 17.25 25.03 30.66
N ARG B 197 17.75 24.58 29.49
CA ARG B 197 17.51 23.23 29.00
C ARG B 197 18.30 22.24 29.84
N ILE B 198 19.53 22.63 30.21
CA ILE B 198 20.39 21.81 31.04
C ILE B 198 19.76 21.66 32.43
N LYS B 199 19.17 22.74 32.97
CA LYS B 199 18.52 22.68 34.28
C LYS B 199 17.37 21.66 34.26
N LYS B 200 16.59 21.66 33.16
CA LYS B 200 15.42 20.82 33.01
C LYS B 200 15.80 19.36 32.75
N LEU B 201 16.90 19.15 32.01
CA LEU B 201 17.28 17.80 31.64
C LEU B 201 17.73 17.04 32.88
N HIS B 202 18.52 17.72 33.72
CA HIS B 202 19.18 17.10 34.86
C HIS B 202 18.13 16.67 35.87
N LYS B 203 17.04 17.47 35.97
CA LYS B 203 15.92 17.20 36.85
C LYS B 203 15.17 15.94 36.41
N LEU B 204 15.07 15.74 35.09
CA LEU B 204 14.34 14.61 34.54
C LEU B 204 15.16 13.33 34.69
N LEU B 205 16.48 13.46 34.48
CA LEU B 205 17.42 12.35 34.57
C LEU B 205 17.55 11.88 36.02
N SER B 206 17.33 12.79 36.97
CA SER B 206 17.50 12.48 38.38
C SER B 206 16.48 11.43 38.83
N TYR B 207 15.44 11.20 38.03
CA TYR B 207 14.44 10.19 38.38
C TYR B 207 14.99 8.78 38.22
N ASN B 208 16.13 8.66 37.51
CA ASN B 208 16.70 7.38 37.09
C ASN B 208 15.75 6.68 36.12
N LEU B 209 15.75 7.21 34.89
CA LEU B 209 14.76 6.85 33.90
C LEU B 209 14.91 5.37 33.52
N PRO B 210 16.15 4.85 33.33
CA PRO B 210 16.38 3.44 33.00
C PRO B 210 15.75 2.46 33.99
N LEU B 211 15.87 2.78 35.29
CA LEU B 211 15.26 1.97 36.33
C LEU B 211 13.74 2.16 36.34
N GLU B 212 13.29 3.41 36.11
CA GLU B 212 11.85 3.62 36.07
C GLU B 212 11.24 2.83 34.91
N LEU B 213 11.99 2.69 33.80
CA LEU B 213 11.47 1.98 32.65
C LEU B 213 11.23 0.51 32.99
N GLU B 214 12.15 -0.09 33.77
CA GLU B 214 12.06 -1.48 34.19
C GLU B 214 10.90 -1.65 35.14
N ASN B 215 10.69 -0.66 36.02
CA ASN B 215 9.55 -0.61 36.90
C ASN B 215 8.24 -0.63 36.08
N LEU B 216 8.14 0.25 35.07
CA LEU B 216 6.92 0.36 34.26
C LEU B 216 6.71 -0.97 33.54
N ARG B 217 7.84 -1.56 33.08
CA ARG B 217 7.79 -2.81 32.36
C ARG B 217 7.18 -3.89 33.24
N SER B 218 7.71 -4.06 34.46
CA SER B 218 7.25 -5.16 35.28
C SER B 218 5.76 -4.95 35.61
N LEU B 219 5.38 -3.70 35.86
CA LEU B 219 4.00 -3.33 36.11
C LEU B 219 3.09 -3.63 34.91
N LEU B 220 3.60 -3.44 33.69
CA LEU B 220 2.73 -3.70 32.56
C LEU B 220 2.76 -5.19 32.16
N GLU B 221 3.85 -5.90 32.49
CA GLU B 221 3.94 -7.35 32.28
C GLU B 221 2.78 -8.08 32.93
N SER B 222 2.37 -7.62 34.11
CA SER B 222 1.34 -8.32 34.86
C SER B 222 -0.02 -7.65 34.64
N THR B 223 -0.15 -6.90 33.55
CA THR B 223 -1.40 -6.25 33.22
C THR B 223 -1.89 -6.77 31.87
N PRO B 224 -2.81 -7.76 31.84
CA PRO B 224 -3.29 -8.32 30.57
C PRO B 224 -3.96 -7.25 29.72
N SER B 225 -3.61 -7.20 28.43
CA SER B 225 -4.20 -6.28 27.46
C SER B 225 -4.16 -6.90 26.06
N PRO B 226 -5.31 -7.10 25.37
CA PRO B 226 -5.29 -7.62 24.00
C PRO B 226 -4.40 -6.79 23.09
N VAL B 227 -3.62 -7.49 22.25
CA VAL B 227 -2.83 -6.84 21.21
C VAL B 227 -3.76 -6.60 20.04
N VAL B 228 -3.79 -5.36 19.56
CA VAL B 228 -4.70 -4.94 18.48
C VAL B 228 -4.00 -3.88 17.64
N PHE B 229 -4.65 -3.51 16.52
CA PHE B 229 -4.11 -2.51 15.61
C PHE B 229 -4.46 -1.12 16.14
N CYS B 230 -3.45 -0.47 16.74
CA CYS B 230 -3.70 0.75 17.49
C CYS B 230 -3.31 1.95 16.65
N HIS B 231 -4.04 3.03 16.87
CA HIS B 231 -3.73 4.32 16.29
C HIS B 231 -2.46 4.91 16.93
N ASN B 232 -2.41 4.85 18.26
CA ASN B 232 -1.29 5.25 19.12
C ASN B 232 -1.10 6.76 19.27
N ASP B 233 -2.02 7.57 18.74
CA ASP B 233 -1.84 9.02 18.84
C ASP B 233 -3.21 9.67 18.73
N CYS B 234 -4.16 9.09 19.43
CA CYS B 234 -5.52 9.52 19.25
C CYS B 234 -5.81 10.75 20.11
N GLN B 235 -5.33 11.91 19.67
CA GLN B 235 -5.60 13.20 20.29
C GLN B 235 -6.55 13.99 19.38
N GLU B 236 -7.07 15.09 19.91
CA GLU B 236 -8.19 15.81 19.32
C GLU B 236 -7.83 16.38 17.93
N GLY B 237 -6.58 16.82 17.76
CA GLY B 237 -6.03 17.30 16.49
C GLY B 237 -6.01 16.24 15.38
N ASN B 238 -6.12 14.97 15.77
CA ASN B 238 -6.13 13.86 14.84
C ASN B 238 -7.56 13.31 14.75
N ILE B 239 -8.56 14.12 15.15
CA ILE B 239 -9.95 13.74 15.01
C ILE B 239 -10.70 14.85 14.26
N LEU B 240 -11.34 14.48 13.14
CA LEU B 240 -12.02 15.46 12.31
C LEU B 240 -13.51 15.36 12.58
N LEU B 241 -14.13 16.51 12.86
CA LEU B 241 -15.57 16.61 12.94
C LEU B 241 -16.07 16.88 11.53
N LEU B 242 -16.72 15.89 10.91
CA LEU B 242 -17.16 16.00 9.52
C LEU B 242 -18.24 17.07 9.37
N GLU B 243 -18.07 17.99 8.40
CA GLU B 243 -19.01 19.08 8.17
C GLU B 243 -20.27 18.53 7.50
N GLY B 244 -21.42 19.09 7.90
CA GLY B 244 -22.70 18.68 7.36
C GLY B 244 -23.25 17.43 8.08
N ARG B 245 -22.48 16.97 9.06
CA ARG B 245 -22.94 15.92 9.97
C ARG B 245 -22.66 16.38 11.40
N GLU B 246 -23.58 17.20 11.94
CA GLU B 246 -23.52 17.66 13.32
C GLU B 246 -24.88 17.40 14.00
N ASN B 247 -25.84 16.88 13.14
CA ASN B 247 -27.15 16.45 13.63
C ASN B 247 -27.08 14.98 14.04
N SER B 248 -26.40 14.18 13.20
CA SER B 248 -26.13 12.77 13.47
C SER B 248 -25.23 12.63 14.70
N GLU B 249 -25.63 11.72 15.61
CA GLU B 249 -25.00 11.62 16.93
C GLU B 249 -23.92 10.53 16.93
N LYS B 250 -23.99 9.61 15.94
CA LYS B 250 -23.16 8.42 15.99
C LYS B 250 -22.25 8.29 14.77
N GLN B 251 -22.23 9.29 13.87
CA GLN B 251 -21.49 9.18 12.61
C GLN B 251 -20.90 10.51 12.12
N LYS B 252 -20.21 11.26 12.99
CA LYS B 252 -19.74 12.58 12.59
C LYS B 252 -18.23 12.77 12.68
N LEU B 253 -17.48 11.67 12.89
CA LEU B 253 -16.04 11.77 13.16
C LEU B 253 -15.24 10.89 12.19
N MET B 254 -13.96 11.27 12.00
CA MET B 254 -12.97 10.38 11.39
C MET B 254 -11.61 10.58 12.06
N LEU B 255 -10.92 9.46 12.34
CA LEU B 255 -9.53 9.45 12.80
C LEU B 255 -8.59 9.62 11.60
N ILE B 256 -7.56 10.46 11.76
CA ILE B 256 -6.55 10.70 10.75
C ILE B 256 -5.18 10.63 11.40
N ASP B 257 -4.11 10.66 10.59
CA ASP B 257 -2.73 10.78 11.02
C ASP B 257 -2.24 9.47 11.67
N PHE B 258 -1.99 8.47 10.82
CA PHE B 258 -1.70 7.12 11.23
C PHE B 258 -0.20 6.83 11.31
N GLU B 259 0.61 7.88 11.45
CA GLU B 259 2.06 7.72 11.43
C GLU B 259 2.57 6.83 12.57
N TYR B 260 1.84 6.75 13.69
CA TYR B 260 2.38 6.00 14.83
C TYR B 260 1.74 4.62 14.95
N SER B 261 0.76 4.34 14.09
CA SER B 261 -0.06 3.14 14.15
C SER B 261 0.79 1.88 14.08
N SER B 262 0.33 0.86 14.82
CA SER B 262 0.99 -0.42 14.88
C SER B 262 0.21 -1.36 15.79
N TYR B 263 0.63 -2.62 15.74
CA TYR B 263 0.09 -3.58 16.68
C TYR B 263 0.65 -3.24 18.05
N ASN B 264 -0.24 -3.14 19.04
CA ASN B 264 0.08 -2.63 20.37
C ASN B 264 -0.98 -3.13 21.35
N TYR B 265 -0.70 -2.91 22.64
CA TYR B 265 -1.67 -3.17 23.70
C TYR B 265 -2.83 -2.19 23.55
N ARG B 266 -4.05 -2.72 23.48
CA ARG B 266 -5.23 -1.87 23.47
C ARG B 266 -5.19 -0.85 24.62
N GLY B 267 -4.64 -1.23 25.78
CA GLY B 267 -4.72 -0.32 26.91
C GLY B 267 -3.95 0.98 26.63
N PHE B 268 -2.84 0.84 25.92
CA PHE B 268 -2.08 2.01 25.47
C PHE B 268 -2.99 2.98 24.69
N ASP B 269 -3.70 2.47 23.69
CA ASP B 269 -4.52 3.33 22.83
C ASP B 269 -5.55 4.10 23.67
N ILE B 270 -6.31 3.41 24.53
CA ILE B 270 -7.35 4.09 25.28
C ILE B 270 -6.76 5.00 26.35
N GLY B 271 -5.73 4.50 27.05
CA GLY B 271 -4.99 5.28 28.04
C GLY B 271 -4.37 6.54 27.45
N ASN B 272 -3.79 6.42 26.25
CA ASN B 272 -3.16 7.55 25.62
C ASN B 272 -4.23 8.58 25.31
N HIS B 273 -5.39 8.10 24.80
CA HIS B 273 -6.53 8.98 24.57
C HIS B 273 -6.94 9.67 25.87
N PHE B 274 -7.03 8.93 26.99
CA PHE B 274 -7.47 9.52 28.24
C PHE B 274 -6.51 10.63 28.69
N CYS B 275 -5.22 10.35 28.59
CA CYS B 275 -4.22 11.36 28.86
C CYS B 275 -4.49 12.64 28.07
N GLU B 276 -4.96 12.49 26.83
CA GLU B 276 -5.03 13.63 25.94
C GLU B 276 -6.10 14.62 26.39
N TRP B 277 -7.07 14.16 27.18
CA TRP B 277 -8.10 15.04 27.72
C TRP B 277 -7.46 16.16 28.52
N MET B 278 -6.21 15.94 28.93
CA MET B 278 -5.53 16.80 29.89
C MET B 278 -4.72 17.89 29.17
N TYR B 279 -4.40 17.66 27.88
CA TYR B 279 -3.46 18.54 27.21
C TYR B 279 -4.12 19.33 26.08
N ASP B 280 -3.87 20.63 26.03
CA ASP B 280 -4.45 21.51 25.03
C ASP B 280 -3.31 22.19 24.29
N TYR B 281 -3.17 21.87 22.99
CA TYR B 281 -1.99 22.30 22.23
C TYR B 281 -2.29 23.58 21.45
N SER B 282 -3.49 24.17 21.65
CA SER B 282 -3.93 25.40 21.00
C SER B 282 -3.52 26.64 21.79
N TYR B 283 -3.07 26.47 23.05
CA TYR B 283 -2.53 27.58 23.80
C TYR B 283 -1.50 28.30 22.93
N GLU B 284 -1.66 29.63 22.86
CA GLU B 284 -1.15 30.51 21.82
C GLU B 284 0.11 31.23 22.28
N LYS B 285 0.52 30.98 23.54
CA LYS B 285 1.78 31.51 24.07
C LYS B 285 2.59 30.38 24.71
N TYR B 286 3.91 30.60 24.84
CA TYR B 286 4.86 29.63 25.38
C TYR B 286 4.35 29.04 26.70
N PRO B 287 4.46 27.72 26.97
CA PRO B 287 5.19 26.76 26.12
C PRO B 287 4.36 26.07 25.04
N PHE B 288 3.21 26.65 24.71
CA PHE B 288 2.41 26.30 23.54
C PHE B 288 1.50 25.11 23.86
N PHE B 289 1.37 24.81 25.15
CA PHE B 289 0.41 23.81 25.61
C PHE B 289 -0.10 24.20 27.00
N ARG B 290 -1.31 23.77 27.34
CA ARG B 290 -1.81 23.81 28.70
C ARG B 290 -2.09 22.38 29.18
N ALA B 291 -1.57 22.05 30.38
CA ALA B 291 -1.85 20.81 31.10
C ALA B 291 -2.83 21.11 32.23
N ASN B 292 -3.81 20.23 32.41
CA ASN B 292 -4.84 20.39 33.42
C ASN B 292 -5.24 19.01 33.98
N ILE B 293 -4.60 18.65 35.10
CA ILE B 293 -4.62 17.30 35.63
C ILE B 293 -6.03 16.92 36.06
N ARG B 294 -6.85 17.92 36.37
CA ARG B 294 -8.21 17.67 36.82
C ARG B 294 -9.16 17.44 35.66
N LYS B 295 -8.62 17.42 34.42
CA LYS B 295 -9.45 17.26 33.22
C LYS B 295 -9.41 15.81 32.74
N TYR B 296 -8.53 15.02 33.37
CA TYR B 296 -8.49 13.59 33.14
C TYR B 296 -9.90 13.05 33.33
N PRO B 297 -10.39 12.12 32.48
CA PRO B 297 -11.76 11.65 32.62
C PRO B 297 -12.02 11.09 34.01
N THR B 298 -13.23 11.32 34.51
CA THR B 298 -13.64 10.81 35.79
C THR B 298 -13.97 9.34 35.57
N LYS B 299 -14.20 8.60 36.66
CA LYS B 299 -14.56 7.20 36.56
C LYS B 299 -15.85 7.06 35.73
N LYS B 300 -16.76 8.03 35.82
CA LYS B 300 -18.05 7.94 35.12
C LYS B 300 -17.81 8.16 33.61
N GLN B 301 -16.97 9.15 33.28
CA GLN B 301 -16.52 9.41 31.90
C GLN B 301 -15.75 8.20 31.33
N GLN B 302 -14.81 7.65 32.12
CA GLN B 302 -14.05 6.48 31.72
C GLN B 302 -15.00 5.35 31.38
N LEU B 303 -16.03 5.17 32.20
CA LEU B 303 -16.96 4.06 32.00
C LEU B 303 -17.89 4.34 30.83
N HIS B 304 -18.18 5.63 30.63
CA HIS B 304 -19.01 5.99 29.49
C HIS B 304 -18.28 5.64 28.19
N PHE B 305 -16.98 5.95 28.12
CA PHE B 305 -16.13 5.57 27.00
C PHE B 305 -16.09 4.04 26.81
N ILE B 306 -15.76 3.29 27.88
CA ILE B 306 -15.54 1.86 27.68
C ILE B 306 -16.87 1.15 27.51
N SER B 307 -17.96 1.81 27.94
CA SER B 307 -19.27 1.24 27.67
C SER B 307 -19.65 1.41 26.20
N SER B 308 -19.10 2.41 25.51
CA SER B 308 -19.33 2.48 24.06
C SER B 308 -18.35 1.59 23.28
N TYR B 309 -17.09 1.54 23.73
CA TYR B 309 -16.04 0.75 23.10
C TYR B 309 -16.34 -0.75 23.14
N LEU B 310 -16.78 -1.28 24.29
CA LEU B 310 -16.82 -2.73 24.45
C LEU B 310 -17.87 -3.41 23.57
N PRO B 311 -19.12 -2.90 23.44
CA PRO B 311 -20.08 -3.47 22.48
C PRO B 311 -19.64 -3.35 21.02
N ALA B 312 -18.90 -2.29 20.68
CA ALA B 312 -18.40 -2.06 19.33
C ALA B 312 -17.29 -3.04 18.93
N PHE B 313 -16.49 -3.51 19.89
CA PHE B 313 -15.34 -4.35 19.58
C PHE B 313 -15.67 -5.83 19.74
N GLN B 314 -16.75 -6.13 20.48
CA GLN B 314 -17.14 -7.49 20.83
C GLN B 314 -18.67 -7.56 20.79
N ASN B 315 -19.24 -8.14 19.72
CA ASN B 315 -20.64 -7.87 19.39
C ASN B 315 -21.62 -8.63 20.26
N ASP B 316 -21.14 -9.66 20.97
CA ASP B 316 -22.01 -10.47 21.81
C ASP B 316 -22.01 -9.94 23.25
N PHE B 317 -21.57 -8.68 23.40
CA PHE B 317 -21.22 -8.14 24.71
C PHE B 317 -22.47 -7.70 25.47
N GLU B 318 -23.37 -6.97 24.81
CA GLU B 318 -24.55 -6.41 25.46
C GLU B 318 -25.45 -7.53 25.98
N ASN B 319 -25.00 -8.80 25.84
CA ASN B 319 -25.78 -10.01 26.13
C ASN B 319 -25.34 -10.70 27.43
N LEU B 320 -24.18 -10.30 27.97
CA LEU B 320 -23.64 -10.97 29.14
C LEU B 320 -24.39 -10.53 30.40
N SER B 321 -24.13 -11.21 31.52
CA SER B 321 -24.71 -10.78 32.79
C SER B 321 -24.10 -9.46 33.24
N THR B 322 -24.92 -8.65 33.91
CA THR B 322 -24.52 -7.35 34.43
C THR B 322 -23.25 -7.47 35.28
N GLU B 323 -23.12 -8.60 35.99
CA GLU B 323 -22.01 -8.78 36.91
C GLU B 323 -20.80 -9.36 36.17
N GLU B 324 -21.02 -9.87 34.96
CA GLU B 324 -19.89 -10.19 34.10
C GLU B 324 -19.39 -8.91 33.43
N LYS B 325 -20.34 -8.08 32.95
CA LYS B 325 -20.04 -6.81 32.31
C LYS B 325 -19.26 -5.90 33.25
N SER B 326 -19.54 -6.02 34.56
CA SER B 326 -18.94 -5.16 35.56
C SER B 326 -17.51 -5.58 35.90
N ILE B 327 -17.23 -6.88 35.84
CA ILE B 327 -15.87 -7.35 36.10
C ILE B 327 -14.97 -7.08 34.89
N ILE B 328 -15.51 -7.28 33.67
CA ILE B 328 -14.78 -6.87 32.48
C ILE B 328 -14.43 -5.38 32.57
N LYS B 329 -15.44 -4.55 32.82
CA LYS B 329 -15.28 -3.11 32.86
C LYS B 329 -14.29 -2.68 33.95
N GLU B 330 -14.37 -3.30 35.13
CA GLU B 330 -13.57 -2.84 36.26
C GLU B 330 -12.10 -3.14 35.99
N GLU B 331 -11.86 -4.31 35.40
CA GLU B 331 -10.52 -4.79 35.07
C GLU B 331 -9.97 -3.95 33.91
N MET B 332 -10.85 -3.61 32.95
CA MET B 332 -10.49 -2.74 31.85
C MET B 332 -10.02 -1.36 32.36
N LEU B 333 -10.74 -0.81 33.35
CA LEU B 333 -10.41 0.49 33.89
C LEU B 333 -9.00 0.48 34.45
N LEU B 334 -8.63 -0.62 35.12
CA LEU B 334 -7.29 -0.79 35.68
C LEU B 334 -6.27 -0.88 34.55
N GLU B 335 -6.64 -1.67 33.53
CA GLU B 335 -5.79 -1.90 32.36
C GLU B 335 -5.42 -0.55 31.73
N VAL B 336 -6.42 0.26 31.35
CA VAL B 336 -6.16 1.48 30.60
C VAL B 336 -5.48 2.52 31.51
N ASN B 337 -5.86 2.52 32.80
CA ASN B 337 -5.27 3.48 33.72
C ASN B 337 -3.82 3.10 33.98
N ARG B 338 -3.49 1.80 33.90
CA ARG B 338 -2.08 1.43 34.04
C ARG B 338 -1.29 1.79 32.79
N PHE B 339 -1.95 1.70 31.63
CA PHE B 339 -1.24 1.92 30.37
C PHE B 339 -1.06 3.41 30.10
N ALA B 340 -1.97 4.21 30.67
CA ALA B 340 -1.80 5.66 30.66
C ALA B 340 -0.40 6.02 31.11
N LEU B 341 0.15 5.20 32.03
CA LEU B 341 1.48 5.46 32.55
C LEU B 341 2.51 5.41 31.44
N ALA B 342 2.33 4.47 30.47
CA ALA B 342 3.24 4.33 29.34
C ALA B 342 3.10 5.52 28.37
N SER B 343 1.90 6.10 28.30
CA SER B 343 1.67 7.29 27.49
C SER B 343 2.53 8.46 28.02
N HIS B 344 2.44 8.73 29.34
CA HIS B 344 3.27 9.77 29.95
C HIS B 344 4.74 9.46 29.71
N PHE B 345 5.15 8.19 29.93
CA PHE B 345 6.57 7.87 29.87
C PHE B 345 7.08 8.02 28.44
N LEU B 346 6.29 7.47 27.50
CA LEU B 346 6.68 7.45 26.10
C LEU B 346 6.78 8.88 25.53
N TRP B 347 5.73 9.69 25.73
CA TRP B 347 5.68 11.04 25.15
C TRP B 347 6.61 11.98 25.90
N GLY B 348 6.71 11.75 27.23
CA GLY B 348 7.77 12.36 28.00
C GLY B 348 9.13 12.17 27.32
N LEU B 349 9.46 10.92 26.96
CA LEU B 349 10.77 10.64 26.39
C LEU B 349 10.91 11.26 25.00
N TRP B 350 9.89 11.04 24.17
CA TRP B 350 9.79 11.60 22.83
C TRP B 350 10.10 13.10 22.87
N SER B 351 9.45 13.77 23.82
CA SER B 351 9.51 15.21 23.96
C SER B 351 10.94 15.69 24.14
N ILE B 352 11.70 14.98 25.00
CA ILE B 352 13.05 15.40 25.33
C ILE B 352 13.93 15.31 24.08
N VAL B 353 13.78 14.22 23.32
CA VAL B 353 14.50 14.02 22.08
C VAL B 353 14.13 15.12 21.07
N GLN B 354 12.86 15.55 21.06
CA GLN B 354 12.46 16.62 20.15
C GLN B 354 13.16 17.93 20.56
N ALA B 355 13.28 18.16 21.87
CA ALA B 355 13.88 19.41 22.35
C ALA B 355 15.31 19.54 21.85
N LYS B 356 15.93 18.40 21.54
CA LYS B 356 17.24 18.38 20.93
C LYS B 356 17.13 18.55 19.40
N ILE B 357 16.19 17.85 18.75
CA ILE B 357 16.31 17.65 17.31
C ILE B 357 15.38 18.52 16.48
N SER B 358 14.35 19.10 17.11
CA SER B 358 13.34 19.87 16.38
C SER B 358 13.47 21.36 16.69
N SER B 359 13.01 22.19 15.75
CA SER B 359 13.14 23.63 15.86
C SER B 359 11.76 24.29 15.82
N ILE B 360 10.71 23.45 15.87
CA ILE B 360 9.36 23.94 15.98
C ILE B 360 9.22 24.74 17.27
N GLU B 361 8.42 25.79 17.22
CA GLU B 361 8.16 26.58 18.42
C GLU B 361 7.17 25.84 19.31
N PHE B 362 7.70 25.08 20.27
CA PHE B 362 6.97 24.31 21.26
C PHE B 362 7.87 24.10 22.48
N GLY B 363 7.32 24.29 23.68
CA GLY B 363 8.11 24.05 24.88
C GLY B 363 8.26 22.57 25.21
N TYR B 364 9.25 21.88 24.60
CA TYR B 364 9.40 20.43 24.65
C TYR B 364 9.77 19.94 26.06
N MET B 365 10.74 20.61 26.68
CA MET B 365 11.24 20.23 27.99
C MET B 365 10.15 20.48 29.01
N ASP B 366 9.42 21.59 28.83
CA ASP B 366 8.29 21.87 29.72
C ASP B 366 7.25 20.75 29.55
N TYR B 367 7.11 20.25 28.31
CA TYR B 367 6.08 19.26 28.03
C TYR B 367 6.49 17.91 28.62
N ALA B 368 7.78 17.56 28.49
CA ALA B 368 8.37 16.39 29.11
C ALA B 368 8.13 16.38 30.62
N GLN B 369 8.47 17.50 31.29
CA GLN B 369 8.29 17.62 32.73
C GLN B 369 6.81 17.44 33.08
N ALA B 370 5.92 18.05 32.29
CA ALA B 370 4.49 17.91 32.56
C ALA B 370 4.09 16.44 32.43
N ARG B 371 4.61 15.71 31.44
CA ARG B 371 4.19 14.31 31.28
C ARG B 371 4.72 13.46 32.44
N PHE B 372 5.94 13.79 32.91
CA PHE B 372 6.58 13.10 34.02
C PHE B 372 5.90 13.43 35.34
N ASP B 373 5.48 14.68 35.51
CA ASP B 373 4.67 15.00 36.69
C ASP B 373 3.40 14.14 36.68
N ALA B 374 2.75 13.99 35.51
CA ALA B 374 1.49 13.26 35.47
C ALA B 374 1.73 11.77 35.71
N TYR B 375 2.91 11.29 35.28
CA TYR B 375 3.33 9.91 35.47
C TYR B 375 3.38 9.58 36.97
N PHE B 376 4.09 10.39 37.75
CA PHE B 376 4.23 10.17 39.18
C PHE B 376 2.90 10.38 39.88
N HIS B 377 2.19 11.45 39.51
CA HIS B 377 0.88 11.68 40.10
C HIS B 377 -0.02 10.45 39.87
N GLN B 378 -0.04 9.92 38.65
CA GLN B 378 -0.95 8.83 38.31
C GLN B 378 -0.52 7.53 39.01
N LYS B 379 0.79 7.36 39.20
CA LYS B 379 1.36 6.18 39.86
C LYS B 379 0.96 6.17 41.34
N ARG B 380 0.95 7.36 41.97
CA ARG B 380 0.46 7.57 43.33
C ARG B 380 -1.04 7.26 43.42
N LYS B 381 -1.84 7.66 42.43
CA LYS B 381 -3.27 7.39 42.47
C LYS B 381 -3.56 5.90 42.38
N LEU B 382 -2.71 5.17 41.65
CA LEU B 382 -2.91 3.74 41.42
C LEU B 382 -2.30 2.92 42.54
N GLY B 383 -1.47 3.58 43.37
CA GLY B 383 -0.77 2.93 44.48
C GLY B 383 0.24 1.89 44.00
N VAL B 384 1.11 2.29 43.06
CA VAL B 384 2.22 1.46 42.61
C VAL B 384 3.52 2.26 42.70
C4 U6T C . 1.90 -16.33 -7.30
C6 U6T C . 0.49 -16.49 -5.43
C8 U6T C . 0.27 -17.93 -5.74
C9 U6T C . 0.94 -18.46 -6.83
C11 U6T C . -0.24 -20.04 -5.89
C13 U6T C . 1.09 -20.70 -7.94
C14 U6T C . 0.17 -21.92 -7.99
F32 U6T C . 3.22 -29.02 -2.91
C29 U6T C . 4.52 -29.32 -2.94
F30 U6T C . 4.76 -29.96 -1.80
F31 U6T C . 4.68 -30.15 -4.00
S1 U6T C . 5.57 -27.97 -3.08
O2 U6T C . 5.59 -27.16 -1.87
O28 U6T C . 6.92 -28.41 -3.28
C25 U6T C . 5.07 -27.06 -4.33
C24 U6T C . 3.78 -26.52 -4.31
C23 U6T C . 3.29 -25.76 -5.37
C26 U6T C . 5.89 -26.81 -5.46
C27 U6T C . 5.41 -26.04 -6.53
C22 U6T C . 4.10 -25.52 -6.49
N21 U6T C . 3.64 -24.75 -7.50
C19 U6T C . 2.40 -24.30 -7.63
O20 U6T C . 1.50 -24.58 -6.84
C16 U6T C . 2.16 -23.41 -8.81
C15 U6T C . 0.68 -23.01 -8.96
C17 U6T C . 3.04 -22.16 -8.64
C18 U6T C . 2.51 -21.17 -7.58
N10 U6T C . 0.62 -19.75 -6.90
N7 U6T C . -0.45 -18.93 -5.17
N5 U6T C . 1.72 -17.65 -7.57
N3 U6T C . 1.31 -15.75 -6.25
N12 U6T C . -0.12 -15.96 -4.36
N1 EPE D . 10.32 -15.10 -19.74
C2 EPE D . 11.65 -14.89 -19.11
C3 EPE D . 12.43 -16.16 -18.92
N4 EPE D . 11.63 -17.09 -18.14
C5 EPE D . 10.43 -17.44 -18.92
C6 EPE D . 9.58 -16.21 -19.11
C7 EPE D . 12.38 -18.27 -17.69
C8 EPE D . 12.32 -18.49 -16.19
O8 EPE D . 11.17 -19.19 -15.80
C9 EPE D . 9.53 -13.87 -19.72
C10 EPE D . 9.56 -13.08 -21.02
S EPE D . 8.41 -11.73 -20.98
O1S EPE D . 8.99 -10.69 -20.17
O2S EPE D . 8.03 -11.43 -22.33
O3S EPE D . 7.18 -12.38 -20.28
N1 EPE E . 22.13 -16.75 -20.12
C2 EPE E . 22.18 -18.04 -19.37
C3 EPE E . 23.49 -18.30 -18.66
N4 EPE E . 24.00 -17.12 -17.94
C5 EPE E . 22.97 -16.07 -17.91
C6 EPE E . 22.64 -15.62 -19.30
C7 EPE E . 24.50 -17.45 -16.59
C8 EPE E . 25.92 -16.90 -16.28
O8 EPE E . 25.81 -15.88 -15.21
C9 EPE E . 22.71 -16.80 -21.48
C10 EPE E . 21.69 -16.42 -22.56
S EPE E . 22.20 -16.00 -24.20
O1S EPE E . 23.20 -15.00 -24.08
O2S EPE E . 21.00 -15.35 -24.96
O3S EPE E . 22.47 -17.25 -24.88
C4 U6T F . -5.55 15.40 7.31
C6 U6T F . -6.74 14.87 5.33
C8 U6T F . -7.56 16.08 5.54
C9 U6T F . -7.30 16.84 6.68
C11 U6T F . -8.90 17.74 5.57
C13 U6T F . -8.16 18.92 7.70
C14 U6T F . -9.52 19.63 7.75
F32 U6T F . -9.94 27.64 2.99
C29 U6T F . -8.82 28.37 2.94
F30 U6T F . -8.89 29.20 1.89
F31 U6T F . -8.75 29.10 4.06
S1 U6T F . -7.46 27.36 2.79
O2 U6T F . -7.50 26.67 1.52
O28 U6T F . -6.22 28.07 2.86
C25 U6T F . -7.55 26.30 4.03
C24 U6T F . -8.49 25.25 3.97
C23 U6T F . -8.59 24.35 5.02
C26 U6T F . -6.73 26.44 5.17
C27 U6T F . -6.83 25.53 6.22
C22 U6T F . -7.77 24.49 6.16
N21 U6T F . -7.82 23.61 7.18
C19 U6T F . -8.65 22.57 7.35
O20 U6T F . -9.58 22.31 6.60
C16 U6T F . -8.40 21.73 8.58
C15 U6T F . -9.53 20.75 8.82
C17 U6T F . -7.00 21.05 8.43
C18 U6T F . -7.01 19.88 7.43
N10 U6T F . -8.12 17.87 6.66
N7 U6T F . -8.56 16.64 4.86
N5 U6T F . -6.31 16.49 7.53
N3 U6T F . -5.76 14.59 6.25
N12 U6T F . -6.95 14.11 4.22
N1 EPE G . 2.61 17.80 19.65
C2 EPE G . 3.59 18.82 19.24
C3 EPE G . 2.90 20.13 19.01
N4 EPE G . 1.80 20.03 18.01
C5 EPE G . 0.88 18.92 18.36
C6 EPE G . 1.64 17.63 18.57
C7 EPE G . 1.04 21.27 17.90
C8 EPE G . 1.39 22.11 16.69
O8 EPE G . 2.81 22.17 16.59
C9 EPE G . 3.21 16.52 20.05
C10 EPE G . 2.56 15.90 21.29
S EPE G . 2.02 14.25 20.98
O1S EPE G . 3.18 13.48 20.62
O2S EPE G . 1.11 14.44 19.73
O3S EPE G . 1.24 13.81 22.11
#